data_5ZH4
#
_entry.id   5ZH4
#
_cell.length_a   52.620
_cell.length_b   126.040
_cell.length_c   181.190
_cell.angle_alpha   90.000
_cell.angle_beta   90.000
_cell.angle_gamma   90.000
#
_symmetry.space_group_name_H-M   'P 21 21 21'
#
loop_
_entity.id
_entity.type
_entity.pdbx_description
1 polymer 'Lysine-tRNA ligase'
2 non-polymer LYSINE
3 non-polymer (3R)-6,8-dihydroxy-3-{[(2S,6R)-6-methyloxan-2-yl]methyl}-3,4-dihydro-1H-2-benzopyran-1-one
4 non-polymer 'CHLORIDE ION'
#
_entity_poly.entity_id   1
_entity_poly.type   'polypeptide(L)'
_entity_poly.pdbx_seq_one_letter_code
;EVDPRLYFENRSKFIQDQKDKGINPYPHKFERTISIPEFIEKYKDLGNGEHLEDTILNITGRIMRVSASGQKLRFFDLVG
DGEKIQVLANYSFHNHEKGNFAECYDKIRRGDIVGIVGFPGKSKKGELSIFPKETILLSACLHMLPMKYGLKDTEIRYRQ
RYLDLLINESSRHTFVTRTKIINFLRNFLNERGFFEVETPMMNLIAGGANARPFITHHNDLDLDLYLRIATELPLKMLIV
GGIDKVYEIGKVFRNEGIDNTHNPEFTSCEFYWAYADYNDLIKWSEDFFSQLVYHLFGTYKISYNKDGPENQPIEIDFTP
PYPKVSIVEEIEKVTNTILEQPFDSNETIEKMINIIKEHKIELPNPPTAAKLLDQLASHFIENKYNDKPFFIVEHPQIMS
PLAKYHRTKPGLTERLEMFICGKEVLNAYTELNDPFKQKECFKLQQKDREKGDTEAAQLDSAFCTSLEYGLPPTGGLGLG
IDRITMFLTNKNSIKDVILFPTMRPAN
;
_entity_poly.pdbx_strand_id   A,B
#
loop_
_chem_comp.id
_chem_comp.type
_chem_comp.name
_chem_comp.formula
9CC non-polymer (3R)-6,8-dihydroxy-3-{[(2S,6R)-6-methyloxan-2-yl]methyl}-3,4-dihydro-1H-2-benzopyran-1-one 'C16 H20 O5'
CL non-polymer 'CHLORIDE ION' 'Cl -1'
#
# COMPACT_ATOMS: atom_id res chain seq x y z
N GLU A 1 34.54 -30.80 3.59
CA GLU A 1 33.30 -30.90 4.42
C GLU A 1 33.53 -30.30 5.79
N VAL A 2 32.54 -29.58 6.28
CA VAL A 2 32.53 -29.07 7.65
C VAL A 2 31.14 -29.28 8.25
N ASP A 3 31.10 -29.65 9.52
CA ASP A 3 29.83 -29.71 10.25
C ASP A 3 29.32 -28.27 10.34
N PRO A 4 28.04 -28.05 10.01
CA PRO A 4 27.45 -26.73 10.19
C PRO A 4 27.48 -26.22 11.63
N ARG A 5 27.26 -27.09 12.61
CA ARG A 5 27.23 -26.64 14.00
C ARG A 5 28.63 -26.16 14.42
N LEU A 6 29.66 -26.93 14.08
CA LEU A 6 31.03 -26.53 14.34
C LEU A 6 31.30 -25.19 13.69
N TYR A 7 30.95 -25.10 12.43
CA TYR A 7 31.15 -23.90 11.70
C TYR A 7 30.59 -22.75 12.52
N PHE A 8 29.28 -22.85 12.81
CA PHE A 8 28.51 -21.83 13.54
C PHE A 8 29.11 -21.54 14.92
N GLU A 9 29.32 -22.58 15.70
CA GLU A 9 29.93 -22.42 17.01
C GLU A 9 31.28 -21.75 16.91
N ASN A 10 32.10 -22.14 15.94
CA ASN A 10 33.41 -21.55 15.83
C ASN A 10 33.40 -20.11 15.47
N ARG A 11 32.53 -19.73 14.55
CA ARG A 11 32.41 -18.37 14.12
C ARG A 11 31.87 -17.55 15.27
N SER A 12 31.01 -18.13 16.08
CA SER A 12 30.55 -17.47 17.31
C SER A 12 31.69 -17.20 18.30
N LYS A 13 32.54 -18.20 18.57
CA LYS A 13 33.69 -17.96 19.47
C LYS A 13 34.59 -16.92 18.85
N PHE A 14 34.67 -16.88 17.52
CA PHE A 14 35.54 -15.93 16.85
C PHE A 14 35.08 -14.51 17.16
N ILE A 15 33.77 -14.31 17.01
CA ILE A 15 33.12 -13.04 17.29
C ILE A 15 33.39 -12.58 18.72
N GLN A 16 33.32 -13.48 19.67
CA GLN A 16 33.51 -13.16 21.06
C GLN A 16 34.95 -12.81 21.33
N ASP A 17 35.85 -13.51 20.66
CA ASP A 17 37.27 -13.29 20.83
C ASP A 17 37.63 -11.95 20.27
N GLN A 18 37.09 -11.61 19.10
CA GLN A 18 37.36 -10.29 18.52
C GLN A 18 36.96 -9.25 19.58
N LYS A 19 35.74 -9.39 20.11
CA LYS A 19 35.26 -8.48 21.14
C LYS A 19 36.26 -8.41 22.29
N ASP A 20 36.70 -9.57 22.74
CA ASP A 20 37.54 -9.65 23.94
C ASP A 20 38.93 -9.02 23.68
N LYS A 21 39.49 -9.21 22.49
CA LYS A 21 40.75 -8.55 22.08
C LYS A 21 40.57 -7.04 21.76
N GLY A 22 39.36 -6.51 21.97
CA GLY A 22 39.03 -5.09 21.64
C GLY A 22 38.67 -4.72 20.19
N ILE A 23 38.59 -5.68 19.28
CA ILE A 23 38.16 -5.37 17.91
C ILE A 23 36.63 -5.47 17.85
N ASN A 24 35.95 -4.44 17.34
CA ASN A 24 34.46 -4.50 17.24
C ASN A 24 34.06 -5.16 15.94
N PRO A 25 33.53 -6.39 16.01
CA PRO A 25 33.16 -7.10 14.80
C PRO A 25 31.91 -6.56 14.10
N TYR A 26 31.15 -5.73 14.80
CA TYR A 26 29.97 -5.07 14.21
C TYR A 26 30.10 -3.54 14.32
N PRO A 27 31.07 -2.95 13.62
CA PRO A 27 31.22 -1.48 13.66
C PRO A 27 29.97 -0.72 13.26
N HIS A 28 29.81 0.47 13.79
CA HIS A 28 28.63 1.27 13.55
C HIS A 28 28.45 1.93 12.20
N LYS A 29 29.52 2.27 11.54
CA LYS A 29 29.43 3.06 10.32
C LYS A 29 30.72 2.96 9.51
N PHE A 30 30.54 2.68 8.24
CA PHE A 30 31.60 2.66 7.29
C PHE A 30 31.10 3.49 6.14
N GLU A 31 31.80 4.57 5.82
CA GLU A 31 31.32 5.59 4.89
C GLU A 31 31.67 5.19 3.50
N ARG A 32 30.73 4.58 2.81
CA ARG A 32 31.03 4.15 1.49
C ARG A 32 30.83 5.32 0.56
N THR A 33 31.63 5.38 -0.49
CA THR A 33 31.64 6.51 -1.37
C THR A 33 31.09 6.15 -2.74
N ILE A 34 30.80 4.89 -2.96
CA ILE A 34 30.37 4.44 -4.28
C ILE A 34 29.75 3.06 -4.13
N SER A 35 28.70 2.79 -4.88
CA SER A 35 28.09 1.49 -4.84
C SER A 35 28.76 0.59 -5.84
N ILE A 36 28.43 -0.69 -5.84
CA ILE A 36 29.01 -1.60 -6.82
C ILE A 36 28.48 -1.36 -8.24
N PRO A 37 27.16 -1.22 -8.42
CA PRO A 37 26.69 -0.80 -9.75
C PRO A 37 27.35 0.46 -10.30
N GLU A 38 27.50 1.48 -9.45
CA GLU A 38 28.20 2.70 -9.82
C GLU A 38 29.63 2.43 -10.20
N PHE A 39 30.29 1.62 -9.39
CA PHE A 39 31.69 1.30 -9.61
C PHE A 39 31.85 0.69 -11.00
N ILE A 40 31.03 -0.31 -11.32
CA ILE A 40 31.08 -0.97 -12.62
C ILE A 40 30.85 0.02 -13.76
N GLU A 41 29.81 0.83 -13.63
CA GLU A 41 29.48 1.80 -14.69
C GLU A 41 30.69 2.73 -14.95
N LYS A 42 31.42 3.08 -13.88
CA LYS A 42 32.45 4.11 -13.94
C LYS A 42 33.77 3.57 -14.43
N TYR A 43 34.07 2.31 -14.13
CA TYR A 43 35.38 1.78 -14.50
C TYR A 43 35.39 0.64 -15.51
N LYS A 44 34.24 0.25 -16.06
CA LYS A 44 34.16 -0.92 -16.96
C LYS A 44 35.03 -0.73 -18.20
N ASP A 45 35.30 0.51 -18.54
CA ASP A 45 36.09 0.84 -19.72
C ASP A 45 37.59 0.79 -19.48
N LEU A 46 38.05 0.60 -18.25
CA LEU A 46 39.49 0.52 -18.01
C LEU A 46 40.16 -0.55 -18.85
N GLY A 47 41.46 -0.33 -19.08
CA GLY A 47 42.31 -1.24 -19.83
C GLY A 47 42.89 -2.35 -18.97
N ASN A 48 43.14 -3.49 -19.59
CA ASN A 48 43.67 -4.63 -18.91
C ASN A 48 44.97 -4.27 -18.26
N GLY A 49 45.10 -4.52 -16.97
CA GLY A 49 46.34 -4.30 -16.21
C GLY A 49 46.52 -2.87 -15.72
N GLU A 50 45.51 -2.02 -15.93
CA GLU A 50 45.58 -0.61 -15.60
C GLU A 50 45.04 -0.43 -14.21
N HIS A 51 45.86 0.18 -13.35
CA HIS A 51 45.49 0.55 -11.99
C HIS A 51 45.30 2.06 -11.97
N LEU A 52 44.38 2.58 -11.15
CA LEU A 52 44.29 4.03 -10.91
C LEU A 52 44.65 4.17 -9.43
N GLU A 53 45.94 4.17 -9.14
CA GLU A 53 46.43 3.94 -7.77
C GLU A 53 46.23 5.12 -6.86
N ASP A 54 45.95 6.27 -7.44
CA ASP A 54 45.82 7.50 -6.69
C ASP A 54 44.40 7.87 -6.42
N THR A 55 43.52 6.94 -6.71
CA THR A 55 42.07 7.12 -6.56
C THR A 55 41.58 6.17 -5.51
N ILE A 56 41.26 6.70 -4.33
CA ILE A 56 40.92 5.85 -3.18
C ILE A 56 39.43 5.92 -2.96
N LEU A 57 38.82 4.77 -2.73
CA LEU A 57 37.41 4.63 -2.61
C LEU A 57 37.09 3.73 -1.44
N ASN A 58 35.88 3.91 -0.88
CA ASN A 58 35.33 3.04 0.11
C ASN A 58 34.12 2.31 -0.42
N ILE A 59 34.16 0.99 -0.41
CA ILE A 59 33.11 0.19 -1.03
C ILE A 59 32.73 -0.96 -0.11
N THR A 60 31.48 -1.40 -0.19
CA THR A 60 30.98 -2.48 0.67
C THR A 60 30.25 -3.52 -0.14
N GLY A 61 30.06 -4.68 0.46
CA GLY A 61 29.18 -5.68 -0.10
C GLY A 61 29.40 -6.99 0.57
N ARG A 62 28.78 -8.03 0.03
CA ARG A 62 28.85 -9.38 0.62
C ARG A 62 29.84 -10.20 -0.17
N ILE A 63 30.75 -10.85 0.54
CA ILE A 63 31.72 -11.73 -0.09
C ILE A 63 30.97 -13.01 -0.49
N MET A 64 31.15 -13.46 -1.73
CA MET A 64 30.45 -14.65 -2.21
C MET A 64 31.35 -15.77 -2.74
N ARG A 65 32.59 -15.48 -3.12
CA ARG A 65 33.58 -16.56 -3.35
C ARG A 65 34.89 -16.10 -2.71
N VAL A 66 35.57 -17.04 -2.09
CA VAL A 66 36.84 -16.84 -1.50
C VAL A 66 37.82 -17.74 -2.24
N SER A 67 38.92 -17.14 -2.63
CA SER A 67 39.94 -17.84 -3.33
C SER A 67 41.31 -17.33 -2.94
N ALA A 68 42.31 -17.98 -3.46
CA ALA A 68 43.68 -17.62 -3.20
C ALA A 68 44.58 -18.13 -4.28
N SER A 69 45.72 -17.52 -4.38
CA SER A 69 46.71 -17.94 -5.33
C SER A 69 47.97 -17.71 -4.56
N GLY A 70 48.06 -18.34 -3.41
CA GLY A 70 49.16 -18.11 -2.51
C GLY A 70 48.63 -17.38 -1.28
N GLN A 71 49.48 -17.25 -0.27
CA GLN A 71 49.08 -16.60 0.94
C GLN A 71 49.13 -15.10 0.86
N LYS A 72 49.77 -14.56 -0.16
CA LYS A 72 49.90 -13.12 -0.34
C LYS A 72 49.06 -12.60 -1.47
N LEU A 73 48.19 -13.44 -1.99
CA LEU A 73 47.31 -13.05 -3.08
C LEU A 73 45.96 -13.73 -2.90
N ARG A 74 44.96 -12.95 -2.52
CA ARG A 74 43.64 -13.45 -2.20
C ARG A 74 42.65 -12.80 -3.16
N PHE A 75 41.68 -13.59 -3.60
CA PHE A 75 40.65 -13.12 -4.47
C PHE A 75 39.30 -13.35 -3.80
N PHE A 76 38.40 -12.41 -4.02
CA PHE A 76 37.06 -12.57 -3.55
C PHE A 76 36.11 -12.02 -4.59
N ASP A 77 34.88 -12.51 -4.58
CA ASP A 77 33.79 -11.92 -5.35
C ASP A 77 32.95 -11.17 -4.35
N LEU A 78 32.59 -9.96 -4.72
CA LEU A 78 31.89 -9.06 -3.86
C LEU A 78 30.63 -8.65 -4.58
N VAL A 79 29.48 -8.83 -3.95
CA VAL A 79 28.19 -8.51 -4.56
C VAL A 79 27.41 -7.44 -3.79
N GLY A 80 26.80 -6.56 -4.54
CA GLY A 80 25.91 -5.60 -4.01
C GLY A 80 24.90 -5.28 -5.08
N ASP A 81 23.64 -5.16 -4.67
CA ASP A 81 22.59 -4.80 -5.60
C ASP A 81 22.58 -5.65 -6.85
N GLY A 82 22.80 -6.95 -6.69
CA GLY A 82 22.70 -7.83 -7.81
C GLY A 82 23.81 -7.71 -8.85
N GLU A 83 24.89 -6.98 -8.53
CA GLU A 83 26.07 -7.01 -9.35
C GLU A 83 27.30 -7.40 -8.54
N LYS A 84 28.39 -7.67 -9.24
CA LYS A 84 29.53 -8.39 -8.70
C LYS A 84 30.85 -7.77 -9.22
N ILE A 85 31.87 -7.65 -8.38
CA ILE A 85 33.23 -7.36 -8.84
C ILE A 85 34.23 -8.23 -8.15
N GLN A 86 35.48 -8.17 -8.60
CA GLN A 86 36.54 -8.88 -7.93
C GLN A 86 37.22 -8.00 -6.88
N VAL A 87 37.57 -8.62 -5.75
CA VAL A 87 38.49 -8.02 -4.79
C VAL A 87 39.78 -8.77 -4.92
N LEU A 88 40.82 -8.06 -5.32
CA LEU A 88 42.11 -8.65 -5.48
C LEU A 88 43.02 -8.09 -4.41
N ALA A 89 43.23 -8.84 -3.34
CA ALA A 89 43.96 -8.34 -2.19
C ALA A 89 45.37 -8.87 -2.18
N ASN A 90 46.30 -7.96 -2.41
CA ASN A 90 47.72 -8.26 -2.50
C ASN A 90 48.48 -7.78 -1.27
N TYR A 91 49.18 -8.67 -0.61
CA TYR A 91 49.98 -8.37 0.56
C TYR A 91 50.76 -7.04 0.44
N SER A 92 51.44 -6.80 -0.67
CA SER A 92 52.21 -5.58 -0.74
C SER A 92 51.37 -4.30 -0.67
N PHE A 93 50.10 -4.37 -1.06
CA PHE A 93 49.26 -3.18 -1.11
C PHE A 93 48.56 -2.93 0.20
N HIS A 94 48.78 -3.78 1.18
CA HIS A 94 47.97 -3.78 2.40
C HIS A 94 48.57 -2.81 3.37
N ASN A 95 47.73 -2.09 4.11
CA ASN A 95 48.22 -1.13 5.08
C ASN A 95 48.52 -1.89 6.37
N HIS A 96 49.77 -2.34 6.45
CA HIS A 96 50.24 -3.23 7.50
C HIS A 96 50.17 -2.59 8.87
N GLU A 97 50.17 -1.28 8.94
CA GLU A 97 50.09 -0.69 10.25
C GLU A 97 48.71 -0.93 10.91
N LYS A 98 47.79 -1.65 10.26
CA LYS A 98 46.44 -1.89 10.83
C LYS A 98 46.11 -3.35 11.09
N GLY A 99 47.07 -4.25 10.86
CA GLY A 99 46.90 -5.66 11.18
C GLY A 99 47.71 -6.58 10.27
N ASN A 100 48.10 -7.75 10.78
CA ASN A 100 48.80 -8.73 9.95
C ASN A 100 47.89 -9.06 8.78
N PHE A 101 48.42 -8.96 7.57
CA PHE A 101 47.67 -9.31 6.38
C PHE A 101 46.96 -10.67 6.49
N ALA A 102 47.70 -11.66 6.94
CA ALA A 102 47.21 -13.03 7.02
C ALA A 102 46.08 -13.16 8.05
N GLU A 103 46.26 -12.58 9.24
CA GLU A 103 45.17 -12.54 10.22
C GLU A 103 43.90 -11.89 9.64
N CYS A 104 44.06 -10.67 9.13
CA CYS A 104 42.97 -9.88 8.63
C CYS A 104 42.17 -10.60 7.52
N TYR A 105 42.81 -11.47 6.72
CA TYR A 105 42.14 -12.16 5.60
C TYR A 105 41.81 -13.65 5.77
N ASP A 106 42.51 -14.34 6.67
CA ASP A 106 42.13 -15.68 7.05
C ASP A 106 40.74 -15.66 7.69
N LYS A 107 40.39 -14.57 8.33
CA LYS A 107 39.14 -14.46 9.08
C LYS A 107 37.95 -14.13 8.16
N ILE A 108 38.17 -13.85 6.88
CA ILE A 108 37.10 -13.49 5.98
C ILE A 108 36.55 -14.74 5.25
N ARG A 109 35.26 -15.02 5.49
CA ARG A 109 34.58 -16.18 4.99
C ARG A 109 33.43 -15.83 4.06
N ARG A 110 32.98 -16.84 3.32
CA ARG A 110 31.91 -16.68 2.35
C ARG A 110 30.66 -16.22 3.10
N GLY A 111 30.03 -15.14 2.62
CA GLY A 111 28.86 -14.56 3.26
C GLY A 111 29.16 -13.29 4.05
N ASP A 112 30.43 -13.08 4.41
CA ASP A 112 30.77 -11.91 5.19
C ASP A 112 30.46 -10.60 4.48
N ILE A 113 29.96 -9.67 5.28
CA ILE A 113 29.79 -8.33 4.79
C ILE A 113 31.03 -7.57 5.15
N VAL A 114 31.61 -6.89 4.18
CA VAL A 114 32.87 -6.20 4.39
C VAL A 114 32.86 -4.77 3.91
N GLY A 115 33.77 -3.98 4.44
CA GLY A 115 34.01 -2.64 3.90
C GLY A 115 35.44 -2.61 3.43
N ILE A 116 35.68 -2.00 2.28
CA ILE A 116 36.98 -2.04 1.69
C ILE A 116 37.44 -0.63 1.34
N VAL A 117 38.71 -0.34 1.70
CA VAL A 117 39.39 0.85 1.26
C VAL A 117 40.46 0.46 0.31
N GLY A 118 40.34 0.95 -0.92
CA GLY A 118 41.24 0.56 -2.00
C GLY A 118 41.07 1.36 -3.27
N PHE A 119 41.72 0.89 -4.33
CA PHE A 119 41.70 1.58 -5.59
C PHE A 119 41.26 0.63 -6.70
N PRO A 120 40.65 1.19 -7.74
CA PRO A 120 40.08 0.43 -8.81
C PRO A 120 41.12 0.08 -9.83
N GLY A 121 40.98 -1.11 -10.42
CA GLY A 121 41.77 -1.48 -11.58
C GLY A 121 41.20 -2.67 -12.32
N LYS A 122 41.87 -3.07 -13.38
CA LYS A 122 41.64 -4.40 -13.93
C LYS A 122 42.90 -5.16 -13.76
N SER A 123 42.73 -6.43 -13.42
CA SER A 123 43.83 -7.41 -13.48
C SER A 123 44.27 -7.63 -14.91
N LYS A 124 45.43 -8.26 -15.12
CA LYS A 124 45.95 -8.47 -16.47
C LYS A 124 45.00 -9.32 -17.33
N LYS A 125 44.30 -10.28 -16.70
CA LYS A 125 43.23 -11.05 -17.35
C LYS A 125 42.00 -10.22 -17.71
N GLY A 126 41.99 -8.95 -17.36
CA GLY A 126 40.88 -8.07 -17.65
C GLY A 126 39.78 -8.01 -16.59
N GLU A 127 39.95 -8.67 -15.45
CA GLU A 127 38.92 -8.67 -14.39
C GLU A 127 38.80 -7.33 -13.58
N LEU A 128 37.65 -6.68 -13.69
CA LEU A 128 37.41 -5.40 -13.07
C LEU A 128 37.49 -5.58 -11.58
N SER A 129 38.35 -4.80 -10.91
CA SER A 129 38.66 -5.07 -9.50
C SER A 129 38.85 -3.88 -8.58
N ILE A 130 38.75 -4.15 -7.31
CA ILE A 130 39.14 -3.22 -6.29
C ILE A 130 40.33 -3.87 -5.62
N PHE A 131 41.36 -3.06 -5.36
CA PHE A 131 42.56 -3.52 -4.71
C PHE A 131 42.63 -2.90 -3.32
N PRO A 132 42.28 -3.64 -2.28
CA PRO A 132 42.30 -3.10 -0.92
C PRO A 132 43.64 -2.63 -0.44
N LYS A 133 43.54 -1.77 0.55
CA LYS A 133 44.59 -1.21 1.32
C LYS A 133 44.16 -1.71 2.66
N GLU A 134 42.86 -1.86 2.82
CA GLU A 134 42.28 -2.24 4.09
C GLU A 134 40.94 -2.86 3.84
N THR A 135 40.72 -4.04 4.42
CA THR A 135 39.43 -4.73 4.34
C THR A 135 38.82 -4.95 5.75
N ILE A 136 37.66 -4.33 6.02
CA ILE A 136 37.01 -4.40 7.35
C ILE A 136 35.82 -5.32 7.35
N LEU A 137 35.75 -6.21 8.32
CA LEU A 137 34.55 -7.00 8.57
C LEU A 137 33.44 -6.13 9.18
N LEU A 138 32.30 -6.04 8.52
CA LEU A 138 31.21 -5.22 9.06
C LEU A 138 30.13 -6.06 9.71
N SER A 139 29.91 -7.26 9.17
CA SER A 139 28.94 -8.20 9.72
C SER A 139 29.24 -9.62 9.20
N ALA A 140 29.58 -10.54 10.09
CA ALA A 140 29.86 -11.91 9.72
C ALA A 140 28.60 -12.65 9.35
N CYS A 141 28.78 -13.66 8.49
CA CYS A 141 27.82 -14.72 8.25
C CYS A 141 28.26 -15.87 9.09
N LEU A 142 27.46 -16.24 10.10
CA LEU A 142 27.84 -17.30 11.02
C LEU A 142 27.52 -18.73 10.56
N HIS A 143 26.69 -18.87 9.53
CA HIS A 143 26.44 -20.19 8.93
C HIS A 143 27.06 -20.26 7.56
N MET A 144 27.50 -21.45 7.17
CA MET A 144 27.80 -21.76 5.76
C MET A 144 26.58 -21.55 4.90
N LEU A 145 26.76 -20.84 3.78
CA LEU A 145 25.71 -20.59 2.82
C LEU A 145 25.64 -21.67 1.79
N PRO A 146 24.42 -22.01 1.33
CA PRO A 146 24.30 -22.96 0.23
C PRO A 146 24.99 -22.47 -1.03
N MET A 147 25.41 -23.40 -1.90
CA MET A 147 25.73 -23.08 -3.30
C MET A 147 24.51 -23.19 -4.18
N LYS A 148 23.59 -24.09 -3.81
CA LYS A 148 22.43 -24.49 -4.63
C LYS A 148 21.66 -25.62 -3.92
N THR A 154 14.12 -25.55 -2.33
CA THR A 154 13.09 -26.52 -1.99
C THR A 154 11.88 -25.81 -1.31
N GLU A 155 11.71 -26.03 0.01
CA GLU A 155 10.90 -25.17 0.87
C GLU A 155 11.70 -24.01 1.49
N ILE A 156 13.03 -24.08 1.45
CA ILE A 156 13.89 -23.10 2.10
C ILE A 156 13.76 -21.74 1.43
N ARG A 157 13.60 -21.78 0.11
CA ARG A 157 13.40 -20.57 -0.67
C ARG A 157 12.18 -19.76 -0.17
N TYR A 158 11.20 -20.44 0.43
CA TYR A 158 9.99 -19.77 0.92
C TYR A 158 10.04 -19.39 2.39
N ARG A 159 10.86 -20.10 3.16
CA ARG A 159 11.02 -19.84 4.59
C ARG A 159 12.23 -18.95 4.90
N GLN A 160 13.23 -19.00 4.05
CA GLN A 160 14.39 -18.12 4.18
C GLN A 160 14.61 -17.39 2.86
N ARG A 161 13.72 -16.45 2.56
CA ARG A 161 13.70 -15.78 1.27
C ARG A 161 14.98 -14.99 1.09
N TYR A 162 15.62 -14.61 2.18
CA TYR A 162 16.90 -13.89 2.08
C TYR A 162 17.94 -14.79 1.40
N LEU A 163 17.98 -16.05 1.76
CA LEU A 163 18.90 -16.98 1.11
C LEU A 163 18.61 -17.06 -0.40
N ASP A 164 17.32 -17.17 -0.74
CA ASP A 164 16.91 -17.22 -2.12
C ASP A 164 17.38 -15.98 -2.85
N LEU A 165 17.21 -14.81 -2.24
CA LEU A 165 17.56 -13.52 -2.92
C LEU A 165 19.04 -13.36 -3.14
N LEU A 166 19.87 -13.95 -2.27
CA LEU A 166 21.34 -13.89 -2.42
C LEU A 166 21.94 -14.89 -3.42
N ILE A 167 21.33 -16.06 -3.58
CA ILE A 167 21.94 -17.16 -4.33
C ILE A 167 21.44 -17.27 -5.77
N ASN A 168 20.13 -17.06 -6.00
CA ASN A 168 19.49 -17.13 -7.34
C ASN A 168 19.19 -15.77 -8.05
N GLU A 169 19.96 -15.43 -9.07
CA GLU A 169 19.72 -14.20 -9.87
C GLU A 169 18.24 -14.02 -10.26
N SER A 170 17.55 -15.11 -10.55
CA SER A 170 16.19 -15.01 -11.05
C SER A 170 15.20 -14.54 -9.98
N SER A 171 15.48 -14.93 -8.74
CA SER A 171 14.65 -14.52 -7.62
C SER A 171 14.57 -12.99 -7.52
N ARG A 172 15.71 -12.34 -7.57
CA ARG A 172 15.71 -10.92 -7.57
C ARG A 172 14.98 -10.38 -8.81
N HIS A 173 15.21 -10.95 -9.98
CA HIS A 173 14.49 -10.51 -11.18
C HIS A 173 12.97 -10.57 -10.95
N THR A 174 12.52 -11.67 -10.38
CA THR A 174 11.11 -11.85 -10.15
C THR A 174 10.45 -10.74 -9.32
N PHE A 175 11.08 -10.35 -8.23
CA PHE A 175 10.46 -9.34 -7.34
C PHE A 175 10.64 -7.92 -7.87
N VAL A 176 11.67 -7.71 -8.67
CA VAL A 176 11.88 -6.42 -9.30
C VAL A 176 10.76 -6.21 -10.31
N THR A 177 10.55 -7.23 -11.17
CA THR A 177 9.43 -7.20 -12.12
C THR A 177 8.10 -6.93 -11.40
N ARG A 178 7.92 -7.55 -10.24
CA ARG A 178 6.70 -7.33 -9.48
C ARG A 178 6.47 -5.87 -9.14
N THR A 179 7.49 -5.20 -8.61
CA THR A 179 7.35 -3.79 -8.21
C THR A 179 7.14 -2.92 -9.44
N LYS A 180 7.84 -3.26 -10.51
CA LYS A 180 7.65 -2.62 -11.80
C LYS A 180 6.21 -2.73 -12.28
N ILE A 181 5.63 -3.92 -12.12
CA ILE A 181 4.24 -4.11 -12.51
C ILE A 181 3.34 -3.19 -11.72
N ILE A 182 3.58 -3.11 -10.42
CA ILE A 182 2.75 -2.28 -9.58
C ILE A 182 3.01 -0.79 -9.91
N ASN A 183 4.26 -0.43 -10.21
CA ASN A 183 4.54 0.93 -10.57
C ASN A 183 3.85 1.35 -11.84
N PHE A 184 3.85 0.46 -12.83
CA PHE A 184 3.23 0.76 -14.11
C PHE A 184 1.73 1.01 -13.92
N LEU A 185 1.09 0.09 -13.20
CA LEU A 185 -0.31 0.21 -12.90
C LEU A 185 -0.64 1.50 -12.18
N ARG A 186 0.14 1.85 -11.17
CA ARG A 186 -0.12 3.09 -10.48
C ARG A 186 -0.07 4.32 -11.43
N ASN A 187 0.94 4.38 -12.30
CA ASN A 187 1.13 5.51 -13.16
C ASN A 187 0.06 5.45 -14.24
N PHE A 188 -0.36 4.25 -14.63
CA PHE A 188 -1.37 4.13 -15.67
C PHE A 188 -2.71 4.73 -15.22
N LEU A 189 -3.08 4.46 -13.97
CA LEU A 189 -4.29 5.04 -13.45
C LEU A 189 -4.11 6.53 -13.20
N ASN A 190 -2.95 6.94 -12.67
CA ASN A 190 -2.73 8.36 -12.41
C ASN A 190 -2.70 9.18 -13.68
N GLU A 191 -2.10 8.69 -14.75
CA GLU A 191 -2.12 9.40 -16.03
C GLU A 191 -3.57 9.67 -16.48
N ARG A 192 -4.50 8.81 -16.08
CA ARG A 192 -5.89 8.90 -16.55
C ARG A 192 -6.77 9.57 -15.53
N GLY A 193 -6.18 10.26 -14.55
CA GLY A 193 -6.92 11.09 -13.62
C GLY A 193 -7.48 10.37 -12.41
N PHE A 194 -7.08 9.13 -12.18
CA PHE A 194 -7.56 8.36 -11.02
C PHE A 194 -6.93 8.82 -9.72
N PHE A 195 -7.66 8.67 -8.62
CA PHE A 195 -7.29 9.15 -7.29
C PHE A 195 -7.09 7.98 -6.29
N GLU A 196 -5.86 7.74 -5.84
CA GLU A 196 -5.57 6.64 -4.93
C GLU A 196 -6.05 6.98 -3.52
N VAL A 197 -6.67 6.00 -2.88
CA VAL A 197 -7.19 6.18 -1.51
C VAL A 197 -6.90 4.93 -0.70
N GLU A 198 -7.14 5.02 0.61
CA GLU A 198 -7.11 3.83 1.49
C GLU A 198 -8.45 3.59 2.18
N THR A 199 -8.94 2.36 2.20
CA THR A 199 -10.18 2.05 2.88
C THR A 199 -9.91 1.08 3.99
N PRO A 200 -10.88 0.87 4.89
CA PRO A 200 -10.51 0.06 6.02
C PRO A 200 -10.35 -1.41 5.68
N MET A 201 -9.44 -2.03 6.42
CA MET A 201 -9.15 -3.44 6.35
C MET A 201 -10.07 -4.26 7.23
N MET A 202 -10.66 -3.65 8.26
CA MET A 202 -11.55 -4.32 9.19
C MET A 202 -12.87 -3.58 9.24
N ASN A 203 -13.98 -4.28 9.04
CA ASN A 203 -15.29 -3.68 8.95
C ASN A 203 -16.23 -4.54 9.78
N LEU A 204 -17.48 -4.08 9.97
CA LEU A 204 -18.50 -4.86 10.72
C LEU A 204 -19.09 -5.98 9.86
N ILE A 205 -19.11 -5.78 8.54
CA ILE A 205 -19.57 -6.80 7.59
C ILE A 205 -18.42 -6.96 6.61
N ALA A 206 -18.31 -8.10 5.95
CA ALA A 206 -17.33 -8.25 4.87
C ALA A 206 -18.04 -8.54 3.57
N GLY A 207 -18.13 -7.55 2.68
CA GLY A 207 -18.82 -7.71 1.40
C GLY A 207 -17.97 -7.40 0.19
N GLY A 208 -18.61 -7.38 -0.98
CA GLY A 208 -17.93 -7.09 -2.24
C GLY A 208 -17.39 -8.33 -2.95
N ALA A 209 -17.67 -9.51 -2.38
CA ALA A 209 -17.30 -10.77 -3.03
C ALA A 209 -17.87 -11.94 -2.25
N ASN A 210 -17.78 -13.12 -2.84
CA ASN A 210 -18.19 -14.34 -2.17
C ASN A 210 -16.93 -15.07 -1.75
N ALA A 211 -16.68 -15.07 -0.45
CA ALA A 211 -15.55 -15.77 0.14
C ALA A 211 -15.71 -15.73 1.65
N ARG A 212 -15.35 -16.83 2.31
CA ARG A 212 -15.29 -16.85 3.76
C ARG A 212 -14.24 -15.82 4.24
N PRO A 213 -14.55 -15.07 5.31
CA PRO A 213 -13.67 -14.06 5.86
C PRO A 213 -12.83 -14.52 7.08
N PHE A 214 -11.76 -13.78 7.40
CA PHE A 214 -11.08 -13.92 8.67
C PHE A 214 -11.78 -13.03 9.68
N ILE A 215 -11.83 -13.46 10.94
CA ILE A 215 -12.50 -12.72 12.01
C ILE A 215 -11.44 -12.39 13.07
N THR A 216 -11.56 -11.24 13.71
CA THR A 216 -10.64 -10.83 14.78
C THR A 216 -11.44 -9.99 15.76
N HIS A 217 -10.83 -9.59 16.85
CA HIS A 217 -11.57 -8.97 17.94
C HIS A 217 -10.87 -7.71 18.40
N HIS A 218 -11.58 -6.58 18.45
CA HIS A 218 -11.00 -5.37 19.02
C HIS A 218 -11.36 -5.21 20.51
N ASN A 219 -10.35 -4.95 21.35
CA ASN A 219 -10.53 -4.94 22.81
C ASN A 219 -11.23 -3.70 23.35
N ASP A 220 -10.88 -2.50 22.83
CA ASP A 220 -11.46 -1.23 23.31
C ASP A 220 -12.96 -1.10 23.02
N LEU A 221 -13.35 -1.49 21.81
CA LEU A 221 -14.76 -1.53 21.42
C LEU A 221 -15.44 -2.85 21.76
N ASP A 222 -14.69 -3.83 22.25
CA ASP A 222 -15.23 -5.17 22.55
C ASP A 222 -16.10 -5.68 21.41
N LEU A 223 -15.47 -5.92 20.27
CA LEU A 223 -16.19 -6.12 19.02
C LEU A 223 -15.48 -7.13 18.12
N ASP A 224 -16.22 -8.00 17.43
CA ASP A 224 -15.67 -8.95 16.47
C ASP A 224 -15.76 -8.38 15.08
N LEU A 225 -14.62 -8.13 14.44
CA LEU A 225 -14.56 -7.51 13.11
C LEU A 225 -14.10 -8.51 12.09
N TYR A 226 -14.43 -8.23 10.83
CA TYR A 226 -14.07 -9.08 9.72
C TYR A 226 -12.98 -8.40 8.91
N LEU A 227 -11.87 -9.08 8.67
CA LEU A 227 -10.91 -8.58 7.67
C LEU A 227 -11.58 -8.59 6.31
N ARG A 228 -11.18 -7.64 5.46
CA ARG A 228 -11.87 -7.32 4.23
C ARG A 228 -11.58 -8.36 3.19
N ILE A 229 -12.60 -8.78 2.45
CA ILE A 229 -12.42 -9.72 1.34
C ILE A 229 -12.32 -8.97 0.04
N ALA A 230 -12.58 -7.68 0.08
CA ALA A 230 -12.57 -6.86 -1.13
C ALA A 230 -12.72 -5.39 -0.73
N THR A 231 -12.60 -4.49 -1.69
CA THR A 231 -12.66 -3.08 -1.42
C THR A 231 -13.83 -2.37 -2.12
N GLU A 232 -14.63 -3.14 -2.84
CA GLU A 232 -15.74 -2.64 -3.65
C GLU A 232 -16.71 -1.66 -2.95
N LEU A 233 -17.22 -2.05 -1.81
CA LEU A 233 -18.28 -1.24 -1.19
C LEU A 233 -17.82 0.14 -0.77
N PRO A 234 -16.74 0.24 0.02
CA PRO A 234 -16.31 1.60 0.38
C PRO A 234 -15.80 2.46 -0.78
N LEU A 235 -15.29 1.86 -1.85
CA LEU A 235 -14.89 2.64 -3.00
C LEU A 235 -16.11 3.22 -3.67
N LYS A 236 -17.15 2.42 -3.80
CA LYS A 236 -18.39 2.94 -4.37
C LYS A 236 -18.94 4.08 -3.50
N MET A 237 -18.85 3.95 -2.21
CA MET A 237 -19.29 5.05 -1.36
C MET A 237 -18.52 6.36 -1.67
N LEU A 238 -17.26 6.23 -2.11
CA LEU A 238 -16.49 7.40 -2.50
C LEU A 238 -16.93 7.98 -3.85
N ILE A 239 -17.40 7.12 -4.76
CA ILE A 239 -18.02 7.66 -6.00
C ILE A 239 -19.20 8.54 -5.65
N VAL A 240 -20.09 8.03 -4.81
CA VAL A 240 -21.19 8.84 -4.33
C VAL A 240 -20.64 10.15 -3.74
N GLY A 241 -19.59 10.05 -2.95
CA GLY A 241 -18.97 11.23 -2.35
C GLY A 241 -18.35 12.23 -3.33
N GLY A 242 -18.23 11.84 -4.60
CA GLY A 242 -17.88 12.79 -5.64
C GLY A 242 -16.48 12.62 -6.14
N ILE A 243 -15.89 11.48 -5.89
CA ILE A 243 -14.56 11.21 -6.38
C ILE A 243 -14.77 10.26 -7.53
N ASP A 244 -14.85 10.81 -8.72
CA ASP A 244 -15.31 10.12 -9.90
C ASP A 244 -14.39 9.06 -10.50
N LYS A 245 -13.12 9.11 -10.12
CA LYS A 245 -12.15 8.12 -10.57
C LYS A 245 -11.27 7.76 -9.41
N VAL A 246 -11.47 6.58 -8.85
CA VAL A 246 -10.87 6.27 -7.56
C VAL A 246 -10.32 4.86 -7.60
N TYR A 247 -9.23 4.61 -6.89
CA TYR A 247 -8.74 3.24 -6.79
C TYR A 247 -7.98 2.94 -5.54
N GLU A 248 -7.75 1.64 -5.31
CA GLU A 248 -6.98 1.25 -4.19
C GLU A 248 -6.15 0.07 -4.58
N ILE A 249 -4.86 0.07 -4.21
CA ILE A 249 -3.99 -1.08 -4.36
C ILE A 249 -3.59 -1.60 -3.01
N GLY A 250 -3.87 -2.87 -2.76
CA GLY A 250 -3.63 -3.38 -1.43
C GLY A 250 -4.11 -4.78 -1.20
N LYS A 251 -3.85 -5.22 0.02
CA LYS A 251 -4.12 -6.57 0.38
C LYS A 251 -5.60 -6.78 0.66
N VAL A 252 -6.08 -7.96 0.31
CA VAL A 252 -7.35 -8.42 0.82
C VAL A 252 -7.15 -9.83 1.34
N PHE A 253 -8.10 -10.31 2.11
CA PHE A 253 -7.96 -11.53 2.89
C PHE A 253 -9.14 -12.45 2.65
N ARG A 254 -8.85 -13.65 2.17
CA ARG A 254 -9.89 -14.64 1.98
C ARG A 254 -9.53 -15.96 2.66
N ASN A 255 -10.40 -16.41 3.54
CA ASN A 255 -10.11 -17.53 4.43
C ASN A 255 -10.46 -18.92 3.87
N GLU A 256 -9.71 -19.32 2.85
CA GLU A 256 -9.91 -20.57 2.16
C GLU A 256 -8.57 -21.14 1.75
N GLY A 257 -8.61 -22.26 1.05
CA GLY A 257 -7.41 -23.08 0.86
C GLY A 257 -6.25 -22.46 0.11
N ILE A 258 -5.04 -22.85 0.51
CA ILE A 258 -3.77 -22.41 -0.10
C ILE A 258 -3.49 -23.40 -1.20
N ASP A 259 -3.25 -22.93 -2.42
CA ASP A 259 -2.88 -23.79 -3.56
C ASP A 259 -1.88 -23.02 -4.44
N ASN A 260 -1.42 -23.61 -5.54
CA ASN A 260 -0.56 -22.92 -6.51
C ASN A 260 -1.07 -21.53 -6.99
N THR A 261 -2.37 -21.25 -6.87
CA THR A 261 -2.90 -19.93 -7.27
C THR A 261 -3.72 -19.22 -6.19
N HIS A 262 -3.61 -19.65 -4.94
CA HIS A 262 -4.35 -19.04 -3.86
C HIS A 262 -3.43 -18.82 -2.68
N ASN A 263 -3.35 -17.56 -2.24
CA ASN A 263 -2.73 -17.24 -0.99
C ASN A 263 -3.73 -16.42 -0.18
N PRO A 264 -3.87 -16.71 1.12
CA PRO A 264 -4.98 -16.12 1.91
C PRO A 264 -4.90 -14.59 2.04
N GLU A 265 -3.71 -14.03 1.97
CA GLU A 265 -3.61 -12.63 1.69
C GLU A 265 -3.06 -12.52 0.29
N PHE A 266 -3.68 -11.68 -0.52
CA PHE A 266 -3.13 -11.37 -1.81
C PHE A 266 -3.39 -9.90 -2.07
N THR A 267 -2.80 -9.40 -3.12
CA THR A 267 -2.81 -7.97 -3.40
C THR A 267 -3.73 -7.76 -4.56
N SER A 268 -4.66 -6.83 -4.41
CA SER A 268 -5.54 -6.56 -5.51
C SER A 268 -5.47 -5.11 -5.80
N CYS A 269 -6.03 -4.77 -6.96
CA CYS A 269 -6.29 -3.42 -7.30
C CYS A 269 -7.74 -3.39 -7.75
N GLU A 270 -8.52 -2.46 -7.20
CA GLU A 270 -9.86 -2.20 -7.65
C GLU A 270 -9.93 -0.74 -8.01
N PHE A 271 -10.61 -0.42 -9.11
CA PHE A 271 -10.95 0.96 -9.45
C PHE A 271 -12.41 1.14 -9.83
N TYR A 272 -12.89 2.36 -9.61
CA TYR A 272 -14.23 2.73 -9.98
C TYR A 272 -14.18 3.96 -10.84
N TRP A 273 -14.94 3.93 -11.94
CA TRP A 273 -14.83 4.93 -13.00
C TRP A 273 -16.23 5.43 -13.25
N ALA A 274 -16.55 6.61 -12.73
CA ALA A 274 -17.89 7.17 -12.92
C ALA A 274 -18.18 7.49 -14.41
N TYR A 275 -19.38 7.17 -14.86
CA TYR A 275 -19.82 7.44 -16.25
C TYR A 275 -19.25 6.47 -17.32
N ALA A 276 -18.56 5.42 -16.86
CA ALA A 276 -18.10 4.37 -17.72
C ALA A 276 -19.04 3.19 -17.58
N ASP A 277 -18.92 2.24 -18.51
CA ASP A 277 -19.70 0.99 -18.41
C ASP A 277 -18.84 -0.16 -18.87
N TYR A 278 -19.42 -1.35 -18.91
CA TYR A 278 -18.72 -2.56 -19.28
C TYR A 278 -17.88 -2.41 -20.51
N ASN A 279 -18.37 -1.70 -21.50
CA ASN A 279 -17.60 -1.51 -22.75
C ASN A 279 -16.33 -0.72 -22.54
N ASP A 280 -16.40 0.31 -21.71
CA ASP A 280 -15.19 1.06 -21.35
C ASP A 280 -14.18 0.18 -20.62
N LEU A 281 -14.68 -0.70 -19.77
CA LEU A 281 -13.84 -1.61 -18.99
C LEU A 281 -13.09 -2.61 -19.86
N ILE A 282 -13.77 -3.16 -20.86
CA ILE A 282 -13.11 -4.05 -21.82
C ILE A 282 -11.96 -3.33 -22.54
N LYS A 283 -12.20 -2.12 -23.01
CA LYS A 283 -11.20 -1.38 -23.76
C LYS A 283 -10.00 -1.12 -22.84
N TRP A 284 -10.31 -0.81 -21.57
CA TRP A 284 -9.27 -0.49 -20.58
C TRP A 284 -8.41 -1.69 -20.33
N SER A 285 -9.06 -2.85 -20.21
CA SER A 285 -8.34 -4.08 -19.94
C SER A 285 -7.38 -4.43 -21.06
N GLU A 286 -7.83 -4.27 -22.28
CA GLU A 286 -6.99 -4.60 -23.40
C GLU A 286 -5.78 -3.63 -23.51
N ASP A 287 -6.02 -2.36 -23.23
CA ASP A 287 -4.98 -1.37 -23.31
C ASP A 287 -3.95 -1.60 -22.21
N PHE A 288 -4.43 -1.84 -21.01
CA PHE A 288 -3.57 -2.01 -19.89
C PHE A 288 -2.67 -3.21 -20.06
N PHE A 289 -3.25 -4.35 -20.37
CA PHE A 289 -2.45 -5.59 -20.41
C PHE A 289 -1.46 -5.57 -21.54
N SER A 290 -1.89 -5.16 -22.73
CA SER A 290 -0.99 -5.14 -23.87
C SER A 290 0.15 -4.13 -23.65
N GLN A 291 -0.16 -2.96 -23.10
CA GLN A 291 0.85 -1.92 -22.84
C GLN A 291 1.78 -2.34 -21.71
N LEU A 292 1.24 -2.99 -20.68
CA LEU A 292 2.05 -3.49 -19.57
C LEU A 292 3.09 -4.47 -20.07
N VAL A 293 2.64 -5.42 -20.89
CA VAL A 293 3.52 -6.45 -21.43
C VAL A 293 4.61 -5.88 -22.33
N TYR A 294 4.24 -4.94 -23.19
CA TYR A 294 5.22 -4.33 -24.11
C TYR A 294 6.23 -3.52 -23.30
N HIS A 295 5.75 -2.91 -22.25
CA HIS A 295 6.59 -2.11 -21.39
C HIS A 295 7.66 -2.96 -20.71
N LEU A 296 7.34 -4.21 -20.42
CA LEU A 296 8.30 -5.07 -19.75
C LEU A 296 9.17 -5.78 -20.77
N PHE A 297 8.61 -6.18 -21.91
CA PHE A 297 9.32 -7.05 -22.87
C PHE A 297 9.58 -6.50 -24.27
N GLY A 298 8.99 -5.36 -24.60
CA GLY A 298 9.09 -4.81 -25.96
C GLY A 298 8.43 -5.71 -27.01
N THR A 299 7.37 -6.39 -26.59
CA THR A 299 6.58 -7.26 -27.45
C THR A 299 5.32 -7.73 -26.72
N TYR A 300 4.33 -8.20 -27.47
CA TYR A 300 3.05 -8.63 -26.93
C TYR A 300 2.95 -10.16 -26.67
N LYS A 301 3.90 -10.92 -27.22
CA LYS A 301 3.86 -12.39 -27.13
C LYS A 301 4.95 -12.85 -26.19
N ILE A 302 4.59 -13.62 -25.17
CA ILE A 302 5.53 -14.08 -24.17
C ILE A 302 5.50 -15.62 -24.01
N SER A 303 6.62 -16.18 -23.56
CA SER A 303 6.80 -17.64 -23.32
C SER A 303 6.44 -17.91 -21.88
N TYR A 304 5.75 -19.00 -21.60
CA TYR A 304 5.34 -19.35 -20.23
C TYR A 304 5.30 -20.86 -20.01
N ASN A 305 5.87 -21.31 -18.89
CA ASN A 305 5.80 -22.72 -18.47
C ASN A 305 4.62 -23.10 -17.55
N PRO A 313 6.74 -25.53 -23.17
CA PRO A 313 6.26 -24.17 -22.84
C PRO A 313 5.40 -23.56 -23.95
N ILE A 314 4.59 -22.56 -23.61
CA ILE A 314 3.53 -22.10 -24.52
C ILE A 314 3.58 -20.58 -24.72
N GLU A 315 3.23 -20.10 -25.92
CA GLU A 315 3.21 -18.66 -26.22
C GLU A 315 1.88 -18.09 -25.75
N ILE A 316 1.92 -16.86 -25.22
CA ILE A 316 0.71 -16.17 -24.87
C ILE A 316 0.75 -14.84 -25.57
N ASP A 317 -0.20 -14.62 -26.47
CA ASP A 317 -0.24 -13.41 -27.29
C ASP A 317 -1.21 -12.41 -26.69
N PHE A 318 -0.69 -11.25 -26.30
CA PHE A 318 -1.48 -10.22 -25.59
C PHE A 318 -1.93 -9.08 -26.50
N THR A 319 -1.78 -9.28 -27.82
CA THR A 319 -2.21 -8.31 -28.81
C THR A 319 -3.72 -8.21 -28.75
N PRO A 320 -4.24 -7.01 -28.48
CA PRO A 320 -5.69 -6.83 -28.49
C PRO A 320 -6.24 -6.90 -29.91
N PRO A 321 -7.54 -7.17 -30.08
CA PRO A 321 -8.56 -7.45 -29.06
C PRO A 321 -8.51 -8.91 -28.62
N TYR A 322 -9.22 -9.19 -27.53
CA TYR A 322 -9.31 -10.55 -26.99
C TYR A 322 -10.70 -11.12 -27.18
N PRO A 323 -10.79 -12.47 -27.21
CA PRO A 323 -12.11 -13.07 -27.40
C PRO A 323 -13.03 -12.85 -26.20
N LYS A 324 -14.32 -12.69 -26.46
CA LYS A 324 -15.35 -12.54 -25.43
C LYS A 324 -16.32 -13.70 -25.58
N VAL A 325 -16.41 -14.55 -24.56
CA VAL A 325 -17.30 -15.71 -24.59
C VAL A 325 -18.43 -15.55 -23.56
N SER A 326 -19.68 -15.59 -24.03
CA SER A 326 -20.84 -15.42 -23.15
C SER A 326 -21.13 -16.68 -22.36
N ILE A 327 -21.07 -16.60 -21.04
CA ILE A 327 -21.12 -17.78 -20.18
C ILE A 327 -22.31 -18.70 -20.49
N VAL A 328 -23.52 -18.15 -20.68
CA VAL A 328 -24.71 -18.98 -20.97
C VAL A 328 -24.63 -19.58 -22.38
N GLU A 329 -24.43 -18.74 -23.39
CA GLU A 329 -24.39 -19.20 -24.78
C GLU A 329 -23.39 -20.37 -24.93
N GLU A 330 -22.20 -20.24 -24.32
CA GLU A 330 -21.16 -21.25 -24.49
C GLU A 330 -21.41 -22.55 -23.72
N ILE A 331 -21.92 -22.46 -22.49
CA ILE A 331 -22.21 -23.68 -21.74
C ILE A 331 -23.26 -24.49 -22.49
N GLU A 332 -24.33 -23.82 -22.90
CA GLU A 332 -25.42 -24.45 -23.64
C GLU A 332 -24.86 -25.13 -24.90
N LYS A 333 -24.15 -24.34 -25.70
CA LYS A 333 -23.53 -24.80 -26.94
C LYS A 333 -22.66 -26.06 -26.79
N VAL A 334 -21.79 -26.13 -25.79
CA VAL A 334 -20.92 -27.33 -25.66
C VAL A 334 -21.60 -28.50 -24.92
N THR A 335 -22.87 -28.36 -24.54
CA THR A 335 -23.58 -29.43 -23.84
C THR A 335 -24.97 -29.73 -24.44
N ASN A 336 -25.20 -29.25 -25.67
CA ASN A 336 -26.45 -29.44 -26.39
C ASN A 336 -27.68 -29.29 -25.50
N THR A 337 -27.65 -28.31 -24.60
CA THR A 337 -28.72 -28.08 -23.61
C THR A 337 -29.22 -26.66 -23.65
N ILE A 338 -30.45 -26.47 -23.22
CA ILE A 338 -31.02 -25.15 -23.00
C ILE A 338 -31.22 -24.99 -21.50
N LEU A 339 -30.79 -23.86 -20.96
CA LEU A 339 -30.95 -23.58 -19.54
C LEU A 339 -32.00 -22.50 -19.34
N GLU A 340 -33.25 -22.93 -19.16
CA GLU A 340 -34.36 -22.01 -19.02
C GLU A 340 -34.19 -21.14 -17.76
N GLN A 341 -34.59 -19.87 -17.87
CA GLN A 341 -34.65 -19.01 -16.69
C GLN A 341 -36.02 -19.24 -16.04
N PRO A 342 -36.15 -19.00 -14.73
CA PRO A 342 -35.05 -18.63 -13.80
C PRO A 342 -33.98 -19.72 -13.67
N PHE A 343 -32.74 -19.31 -13.48
CA PHE A 343 -31.64 -20.25 -13.31
C PHE A 343 -31.74 -21.06 -12.03
N ASP A 344 -32.41 -20.52 -11.02
CA ASP A 344 -32.66 -21.25 -9.77
C ASP A 344 -34.07 -21.86 -9.69
N SER A 345 -34.71 -22.12 -10.81
CA SER A 345 -35.88 -23.01 -10.84
C SER A 345 -35.43 -24.46 -10.69
N ASN A 346 -36.33 -25.34 -10.28
CA ASN A 346 -35.96 -26.74 -10.06
C ASN A 346 -35.57 -27.45 -11.36
N GLU A 347 -36.27 -27.13 -12.45
CA GLU A 347 -36.05 -27.77 -13.76
C GLU A 347 -34.65 -27.45 -14.30
N THR A 348 -34.19 -26.23 -14.06
CA THR A 348 -32.86 -25.81 -14.52
C THR A 348 -31.74 -26.25 -13.57
N ILE A 349 -32.00 -26.22 -12.26
CA ILE A 349 -31.11 -26.82 -11.27
C ILE A 349 -30.91 -28.33 -11.55
N GLU A 350 -31.99 -29.09 -11.65
CA GLU A 350 -31.91 -30.54 -11.91
C GLU A 350 -31.11 -30.79 -13.19
N LYS A 351 -31.35 -29.95 -14.20
CA LYS A 351 -30.68 -30.08 -15.48
C LYS A 351 -29.20 -29.84 -15.34
N MET A 352 -28.83 -28.77 -14.67
CA MET A 352 -27.44 -28.47 -14.43
C MET A 352 -26.78 -29.62 -13.64
N ILE A 353 -27.53 -30.17 -12.71
CA ILE A 353 -27.01 -31.27 -11.92
C ILE A 353 -26.81 -32.46 -12.83
N ASN A 354 -27.74 -32.66 -13.73
CA ASN A 354 -27.61 -33.77 -14.67
C ASN A 354 -26.33 -33.67 -15.48
N ILE A 355 -25.99 -32.49 -15.95
CA ILE A 355 -24.77 -32.32 -16.72
C ILE A 355 -23.54 -32.65 -15.89
N ILE A 356 -23.55 -32.25 -14.64
CA ILE A 356 -22.45 -32.54 -13.75
C ILE A 356 -22.25 -34.02 -13.67
N LYS A 357 -23.32 -34.75 -13.45
CA LYS A 357 -23.26 -36.18 -13.38
C LYS A 357 -22.89 -36.78 -14.72
N GLU A 358 -23.58 -36.36 -15.76
CA GLU A 358 -23.34 -36.89 -17.10
C GLU A 358 -21.88 -36.81 -17.52
N HIS A 359 -21.15 -35.92 -16.87
CA HIS A 359 -19.72 -35.70 -17.13
C HIS A 359 -18.82 -36.01 -15.92
N LYS A 360 -19.37 -36.72 -14.92
CA LYS A 360 -18.61 -37.19 -13.76
C LYS A 360 -17.68 -36.15 -13.14
N ILE A 361 -18.22 -34.99 -12.76
CA ILE A 361 -17.45 -33.96 -12.07
C ILE A 361 -18.04 -33.65 -10.69
N GLU A 362 -17.26 -33.04 -9.81
CA GLU A 362 -17.61 -32.91 -8.39
C GLU A 362 -18.82 -31.97 -8.15
N LEU A 363 -19.87 -32.51 -7.53
CA LEU A 363 -21.08 -31.74 -7.22
C LEU A 363 -20.80 -30.79 -6.04
N PRO A 364 -21.06 -29.48 -6.20
CA PRO A 364 -20.88 -28.60 -5.05
C PRO A 364 -21.97 -28.75 -3.97
N ASN A 365 -21.58 -28.50 -2.72
CA ASN A 365 -22.46 -28.57 -1.57
C ASN A 365 -22.66 -27.16 -0.97
N PRO A 366 -23.90 -26.67 -0.91
CA PRO A 366 -25.10 -27.22 -1.51
C PRO A 366 -25.13 -26.88 -3.00
N PRO A 367 -25.94 -27.63 -3.79
CA PRO A 367 -25.97 -27.34 -5.22
C PRO A 367 -26.92 -26.18 -5.54
N THR A 368 -26.52 -24.96 -5.21
CA THR A 368 -27.33 -23.78 -5.58
C THR A 368 -27.07 -23.43 -7.05
N ALA A 369 -28.04 -22.75 -7.65
CA ALA A 369 -27.91 -22.35 -9.04
C ALA A 369 -26.62 -21.61 -9.30
N ALA A 370 -26.23 -20.71 -8.39
CA ALA A 370 -25.00 -19.95 -8.59
C ALA A 370 -23.75 -20.83 -8.57
N LYS A 371 -23.70 -21.83 -7.69
CA LYS A 371 -22.49 -22.64 -7.57
C LYS A 371 -22.36 -23.68 -8.69
N LEU A 372 -23.49 -24.24 -9.12
CA LEU A 372 -23.53 -25.14 -10.28
C LEU A 372 -23.08 -24.45 -11.57
N LEU A 373 -23.61 -23.27 -11.82
CA LEU A 373 -23.21 -22.47 -12.98
C LEU A 373 -21.74 -22.20 -12.93
N ASP A 374 -21.25 -21.89 -11.74
CA ASP A 374 -19.86 -21.62 -11.54
C ASP A 374 -19.02 -22.85 -11.88
N GLN A 375 -19.47 -24.01 -11.40
CA GLN A 375 -18.74 -25.25 -11.63
C GLN A 375 -18.71 -25.65 -13.10
N LEU A 376 -19.85 -25.48 -13.80
CA LEU A 376 -19.93 -25.74 -15.23
C LEU A 376 -19.02 -24.80 -16.01
N ALA A 377 -18.91 -23.57 -15.53
CA ALA A 377 -18.07 -22.60 -16.18
C ALA A 377 -16.58 -22.96 -16.06
N SER A 378 -16.18 -23.58 -14.95
CA SER A 378 -14.77 -23.97 -14.80
C SER A 378 -14.44 -25.18 -15.65
N HIS A 379 -15.39 -26.07 -15.85
CA HIS A 379 -15.09 -27.29 -16.59
C HIS A 379 -15.13 -27.07 -18.10
N PHE A 380 -16.14 -26.37 -18.60
CA PHE A 380 -16.40 -26.29 -20.03
C PHE A 380 -15.95 -25.01 -20.74
N ILE A 381 -15.58 -23.97 -19.98
CA ILE A 381 -15.16 -22.71 -20.62
C ILE A 381 -13.76 -22.29 -20.23
N GLU A 382 -13.48 -22.24 -18.93
CA GLU A 382 -12.30 -21.50 -18.42
C GLU A 382 -10.95 -21.87 -19.05
N ASN A 383 -10.83 -23.08 -19.61
CA ASN A 383 -9.65 -23.45 -20.41
C ASN A 383 -9.94 -23.60 -21.91
N LYS A 384 -10.76 -22.69 -22.43
CA LYS A 384 -11.08 -22.64 -23.86
C LYS A 384 -9.86 -22.22 -24.70
N TYR A 385 -9.22 -21.13 -24.28
CA TYR A 385 -7.98 -20.65 -24.92
C TYR A 385 -6.75 -20.77 -24.01
N ASN A 386 -5.60 -21.00 -24.62
CA ASN A 386 -4.30 -20.90 -23.97
C ASN A 386 -3.32 -19.96 -24.67
N ASP A 387 -3.58 -19.66 -25.95
CA ASP A 387 -2.68 -18.81 -26.75
C ASP A 387 -2.87 -17.31 -26.48
N LYS A 388 -4.04 -16.94 -25.95
CA LYS A 388 -4.31 -15.55 -25.63
C LYS A 388 -5.19 -15.43 -24.39
N PRO A 389 -5.20 -14.25 -23.76
CA PRO A 389 -6.20 -13.99 -22.74
C PRO A 389 -7.57 -13.83 -23.36
N PHE A 390 -8.60 -14.08 -22.58
CA PHE A 390 -9.95 -13.88 -23.08
C PHE A 390 -10.90 -13.58 -21.96
N PHE A 391 -12.06 -13.05 -22.33
CA PHE A 391 -13.09 -12.68 -21.37
C PHE A 391 -14.25 -13.64 -21.42
N ILE A 392 -14.74 -14.02 -20.24
CA ILE A 392 -16.06 -14.61 -20.11
C ILE A 392 -16.97 -13.48 -19.67
N VAL A 393 -18.12 -13.36 -20.30
CA VAL A 393 -18.98 -12.20 -20.15
C VAL A 393 -20.46 -12.54 -19.93
N GLU A 394 -21.18 -11.56 -19.39
CA GLU A 394 -22.66 -11.56 -19.27
C GLU A 394 -23.19 -12.63 -18.34
N HIS A 395 -22.61 -12.67 -17.16
CA HIS A 395 -22.94 -13.65 -16.16
C HIS A 395 -24.32 -13.37 -15.67
N PRO A 396 -25.08 -14.42 -15.34
CA PRO A 396 -26.40 -14.39 -14.72
C PRO A 396 -26.42 -13.55 -13.46
N GLN A 397 -27.54 -12.85 -13.23
CA GLN A 397 -27.73 -12.03 -12.02
C GLN A 397 -27.51 -12.82 -10.73
N ILE A 398 -27.97 -14.08 -10.67
CA ILE A 398 -27.81 -14.91 -9.48
C ILE A 398 -26.33 -15.12 -9.05
N MET A 399 -25.39 -14.98 -9.99
CA MET A 399 -23.95 -15.02 -9.68
C MET A 399 -23.38 -13.65 -9.36
N SER A 400 -24.14 -12.59 -9.55
CA SER A 400 -23.56 -11.26 -9.73
C SER A 400 -24.37 -10.17 -9.02
N PRO A 401 -24.59 -10.34 -7.71
CA PRO A 401 -25.52 -9.48 -6.93
C PRO A 401 -25.25 -7.95 -6.96
N LEU A 402 -24.04 -7.54 -7.34
CA LEU A 402 -23.64 -6.12 -7.37
C LEU A 402 -23.40 -5.58 -8.78
N ALA A 403 -23.54 -6.43 -9.80
CA ALA A 403 -23.45 -5.98 -11.17
C ALA A 403 -24.83 -5.51 -11.64
N LYS A 404 -24.83 -4.52 -12.52
CA LYS A 404 -26.06 -4.01 -13.09
C LYS A 404 -26.64 -4.95 -14.15
N TYR A 405 -27.98 -5.00 -14.20
CA TYR A 405 -28.71 -5.86 -15.13
C TYR A 405 -28.36 -5.50 -16.59
N HIS A 406 -28.28 -6.51 -17.43
CA HIS A 406 -27.91 -6.32 -18.81
C HIS A 406 -28.97 -5.47 -19.58
N ARG A 407 -28.53 -4.55 -20.43
CA ARG A 407 -29.47 -3.60 -21.03
C ARG A 407 -30.39 -4.18 -22.11
N THR A 408 -30.08 -5.37 -22.60
CA THR A 408 -30.94 -6.06 -23.57
C THR A 408 -31.22 -7.52 -23.23
N LYS A 409 -30.65 -8.05 -22.14
CA LYS A 409 -30.75 -9.48 -21.82
C LYS A 409 -31.22 -9.71 -20.38
N PRO A 410 -32.54 -9.82 -20.18
CA PRO A 410 -33.08 -10.18 -18.88
C PRO A 410 -32.39 -11.37 -18.24
N GLY A 411 -32.19 -11.27 -16.95
CA GLY A 411 -31.54 -12.32 -16.19
C GLY A 411 -30.03 -12.19 -16.11
N LEU A 412 -29.43 -11.42 -17.03
CA LEU A 412 -27.99 -11.35 -17.09
C LEU A 412 -27.49 -9.97 -16.68
N THR A 413 -26.18 -9.85 -16.57
CA THR A 413 -25.53 -8.64 -16.08
C THR A 413 -24.43 -8.20 -17.04
N GLU A 414 -23.98 -6.96 -16.83
CA GLU A 414 -22.99 -6.40 -17.70
C GLU A 414 -21.59 -6.64 -17.07
N ARG A 415 -21.20 -7.92 -17.08
CA ARG A 415 -20.00 -8.37 -16.38
C ARG A 415 -19.04 -9.08 -17.31
N LEU A 416 -17.76 -8.99 -16.92
CA LEU A 416 -16.66 -9.59 -17.62
C LEU A 416 -15.63 -10.10 -16.62
N GLU A 417 -14.90 -11.11 -17.04
CA GLU A 417 -13.86 -11.68 -16.24
C GLU A 417 -12.78 -12.10 -17.19
N MET A 418 -11.58 -11.58 -17.04
CA MET A 418 -10.49 -12.00 -17.91
C MET A 418 -9.72 -13.18 -17.34
N PHE A 419 -9.35 -14.10 -18.23
CA PHE A 419 -8.60 -15.30 -17.90
C PHE A 419 -7.27 -15.36 -18.65
N ILE A 420 -6.22 -15.79 -17.94
CA ILE A 420 -4.93 -16.12 -18.55
C ILE A 420 -4.66 -17.58 -18.11
N CYS A 421 -4.51 -18.46 -19.10
CA CYS A 421 -4.19 -19.87 -18.87
C CYS A 421 -5.13 -20.54 -17.90
N GLY A 422 -6.42 -20.22 -17.99
CA GLY A 422 -7.41 -20.90 -17.19
C GLY A 422 -7.59 -20.34 -15.80
N LYS A 423 -6.85 -19.27 -15.49
CA LYS A 423 -6.87 -18.63 -14.17
C LYS A 423 -7.42 -17.19 -14.29
N GLU A 424 -8.39 -16.88 -13.46
CA GLU A 424 -8.98 -15.57 -13.48
C GLU A 424 -8.06 -14.54 -12.87
N VAL A 425 -7.85 -13.44 -13.57
CA VAL A 425 -7.02 -12.34 -13.09
C VAL A 425 -7.75 -11.01 -13.02
N LEU A 426 -8.97 -10.98 -13.54
CA LEU A 426 -9.76 -9.75 -13.66
C LEU A 426 -11.28 -10.01 -13.61
N ASN A 427 -11.98 -9.17 -12.87
CA ASN A 427 -13.41 -9.25 -12.71
C ASN A 427 -13.89 -7.81 -12.69
N ALA A 428 -14.85 -7.49 -13.55
CA ALA A 428 -15.31 -6.12 -13.67
C ALA A 428 -16.76 -6.10 -14.14
N TYR A 429 -17.44 -4.99 -13.88
CA TYR A 429 -18.77 -4.79 -14.39
C TYR A 429 -19.30 -3.35 -14.31
N THR A 430 -20.41 -3.12 -15.00
CA THR A 430 -21.19 -1.94 -14.82
C THR A 430 -21.86 -2.12 -13.47
N GLU A 431 -21.78 -1.10 -12.62
CA GLU A 431 -22.23 -1.23 -11.24
C GLU A 431 -23.74 -1.02 -11.14
N LEU A 432 -24.40 -1.92 -10.42
CA LEU A 432 -25.79 -1.73 -10.04
C LEU A 432 -25.90 -0.52 -9.15
N ASN A 433 -26.61 0.53 -9.61
CA ASN A 433 -26.72 1.76 -8.83
C ASN A 433 -28.14 2.08 -8.41
N ASP A 434 -29.04 1.15 -8.65
CA ASP A 434 -30.45 1.30 -8.31
C ASP A 434 -30.68 0.61 -6.99
N PRO A 435 -30.82 1.39 -5.91
CA PRO A 435 -30.96 0.78 -4.56
C PRO A 435 -32.13 -0.17 -4.43
N PHE A 436 -33.20 0.07 -5.17
CA PHE A 436 -34.32 -0.85 -5.12
C PHE A 436 -33.93 -2.21 -5.66
N LYS A 437 -33.17 -2.26 -6.76
CA LYS A 437 -32.80 -3.55 -7.35
C LYS A 437 -31.76 -4.28 -6.49
N GLN A 438 -31.16 -3.57 -5.54
CA GLN A 438 -30.15 -4.15 -4.69
C GLN A 438 -30.66 -4.85 -3.41
N LYS A 439 -31.69 -4.33 -2.73
CA LYS A 439 -32.05 -4.87 -1.40
C LYS A 439 -31.86 -6.40 -1.37
N GLU A 440 -32.48 -7.07 -2.34
CA GLU A 440 -32.10 -8.43 -2.72
C GLU A 440 -30.59 -8.55 -3.03
N ALA A 462 -25.64 0.96 5.48
CA ALA A 462 -24.39 1.76 5.37
C ALA A 462 -24.02 2.01 3.91
N PHE A 463 -23.58 0.93 3.26
CA PHE A 463 -23.41 0.92 1.83
C PHE A 463 -24.77 1.13 1.18
N CYS A 464 -25.73 0.31 1.61
CA CYS A 464 -27.08 0.41 1.06
C CYS A 464 -27.65 1.83 1.23
N THR A 465 -27.38 2.46 2.36
CA THR A 465 -27.78 3.85 2.54
C THR A 465 -27.09 4.72 1.52
N SER A 466 -25.80 4.52 1.29
CA SER A 466 -25.11 5.39 0.33
C SER A 466 -25.78 5.33 -1.07
N LEU A 467 -26.20 4.15 -1.51
CA LEU A 467 -26.93 4.07 -2.78
C LEU A 467 -28.15 5.01 -2.88
N GLU A 468 -28.81 5.28 -1.77
CA GLU A 468 -30.01 6.09 -1.81
C GLU A 468 -29.66 7.54 -2.04
N TYR A 469 -28.41 7.90 -1.84
CA TYR A 469 -28.00 9.27 -2.09
C TYR A 469 -27.63 9.50 -3.55
N GLY A 470 -27.58 8.45 -4.37
CA GLY A 470 -27.32 8.62 -5.79
C GLY A 470 -25.90 8.24 -6.19
N LEU A 471 -25.75 7.00 -6.61
CA LEU A 471 -24.55 6.52 -7.20
C LEU A 471 -24.69 6.74 -8.69
N PRO A 472 -23.82 7.57 -9.27
CA PRO A 472 -23.90 7.77 -10.71
C PRO A 472 -23.66 6.46 -11.43
N PRO A 473 -24.12 6.35 -12.70
CA PRO A 473 -23.67 5.23 -13.55
C PRO A 473 -22.14 5.16 -13.55
N THR A 474 -21.62 3.95 -13.34
CA THR A 474 -20.22 3.71 -12.96
C THR A 474 -19.74 2.33 -13.45
N GLY A 475 -18.44 2.23 -13.73
CA GLY A 475 -17.78 0.95 -14.01
C GLY A 475 -16.66 0.62 -13.01
N GLY A 476 -16.66 -0.64 -12.56
CA GLY A 476 -15.72 -1.09 -11.55
C GLY A 476 -14.96 -2.30 -12.01
N LEU A 477 -13.73 -2.42 -11.54
CA LEU A 477 -12.82 -3.42 -12.02
C LEU A 477 -11.78 -3.84 -10.99
N GLY A 478 -11.56 -5.15 -10.93
CA GLY A 478 -10.64 -5.75 -10.00
C GLY A 478 -9.60 -6.55 -10.74
N LEU A 479 -8.34 -6.39 -10.31
CA LEU A 479 -7.25 -7.22 -10.74
C LEU A 479 -6.66 -8.00 -9.61
N GLY A 480 -6.22 -9.22 -9.93
CA GLY A 480 -5.35 -10.00 -9.06
C GLY A 480 -3.85 -9.88 -9.39
N ILE A 481 -3.14 -9.01 -8.65
CA ILE A 481 -1.73 -8.66 -8.96
C ILE A 481 -0.74 -9.81 -8.89
N ASP A 482 -0.78 -10.57 -7.80
CA ASP A 482 0.07 -11.73 -7.67
C ASP A 482 -0.10 -12.67 -8.89
N ARG A 483 -1.34 -12.93 -9.30
CA ARG A 483 -1.55 -13.85 -10.44
C ARG A 483 -1.05 -13.28 -11.75
N ILE A 484 -1.18 -11.97 -11.93
CA ILE A 484 -0.62 -11.33 -13.12
C ILE A 484 0.89 -11.51 -13.13
N THR A 485 1.53 -11.15 -12.02
CA THR A 485 2.97 -11.29 -11.88
C THR A 485 3.45 -12.73 -12.12
N MET A 486 2.70 -13.73 -11.66
CA MET A 486 3.08 -15.11 -11.98
C MET A 486 3.28 -15.28 -13.49
N PHE A 487 2.39 -14.73 -14.30
CA PHE A 487 2.47 -14.99 -15.72
C PHE A 487 3.60 -14.25 -16.37
N LEU A 488 3.86 -13.04 -15.89
CA LEU A 488 4.89 -12.20 -16.49
C LEU A 488 6.26 -12.42 -15.88
N THR A 489 6.41 -13.38 -14.96
CA THR A 489 7.74 -13.78 -14.45
C THR A 489 7.91 -15.27 -14.60
N ASN A 490 7.02 -15.91 -15.34
CA ASN A 490 7.17 -17.32 -15.67
C ASN A 490 7.25 -18.22 -14.46
N LYS A 491 6.39 -17.97 -13.49
CA LYS A 491 6.23 -18.85 -12.34
C LYS A 491 4.89 -19.50 -12.44
N ASN A 492 4.75 -20.70 -11.88
CA ASN A 492 3.42 -21.31 -11.79
C ASN A 492 3.02 -21.66 -10.35
N SER A 493 3.61 -20.95 -9.40
CA SER A 493 3.05 -20.91 -8.06
C SER A 493 3.06 -19.51 -7.54
N ILE A 494 1.98 -19.12 -6.91
CA ILE A 494 1.83 -17.78 -6.35
C ILE A 494 2.90 -17.57 -5.29
N LYS A 495 3.29 -18.66 -4.64
CA LYS A 495 4.35 -18.60 -3.65
C LYS A 495 5.63 -17.99 -4.22
N ASP A 496 5.86 -18.12 -5.54
CA ASP A 496 7.11 -17.64 -6.13
C ASP A 496 7.12 -16.14 -6.33
N VAL A 497 6.00 -15.45 -6.11
CA VAL A 497 5.90 -14.01 -6.39
C VAL A 497 5.46 -13.23 -5.15
N ILE A 498 5.44 -13.92 -4.00
CA ILE A 498 5.20 -13.27 -2.73
C ILE A 498 6.47 -13.48 -1.95
N LEU A 499 7.01 -12.42 -1.36
CA LEU A 499 8.28 -12.54 -0.63
C LEU A 499 8.15 -13.56 0.45
N PHE A 500 7.11 -13.44 1.27
CA PHE A 500 6.96 -14.30 2.42
C PHE A 500 5.56 -14.90 2.42
N PRO A 501 5.34 -15.98 1.66
CA PRO A 501 4.00 -16.61 1.54
C PRO A 501 3.61 -17.27 2.85
N THR A 502 2.32 -17.49 3.09
CA THR A 502 1.91 -18.03 4.38
C THR A 502 2.08 -19.56 4.34
N MET A 503 2.66 -20.09 5.40
CA MET A 503 2.99 -21.49 5.46
C MET A 503 2.76 -22.07 6.85
N ARG A 504 2.66 -23.39 6.90
CA ARG A 504 2.68 -24.10 8.17
C ARG A 504 4.08 -23.93 8.79
N PRO A 505 4.16 -23.69 10.12
CA PRO A 505 5.48 -23.71 10.77
C PRO A 505 5.98 -25.14 10.96
N GLU B 1 -38.34 22.09 5.39
CA GLU B 1 -39.84 22.16 5.28
C GLU B 1 -40.57 20.81 5.11
N VAL B 2 -39.86 19.68 5.22
CA VAL B 2 -40.37 18.38 4.81
C VAL B 2 -39.88 17.28 5.73
N ASP B 3 -40.75 16.32 6.00
CA ASP B 3 -40.35 15.09 6.68
C ASP B 3 -39.37 14.32 5.77
N PRO B 4 -38.23 13.88 6.32
CA PRO B 4 -37.28 13.06 5.54
C PRO B 4 -37.86 11.74 5.01
N ARG B 5 -38.68 11.06 5.81
CA ARG B 5 -39.24 9.79 5.37
C ARG B 5 -40.22 10.01 4.22
N LEU B 6 -41.09 11.01 4.34
CA LEU B 6 -41.99 11.38 3.24
C LEU B 6 -41.15 11.66 1.99
N TYR B 7 -40.13 12.49 2.18
CA TYR B 7 -39.29 12.91 1.07
C TYR B 7 -38.82 11.66 0.36
N PHE B 8 -38.16 10.80 1.14
CA PHE B 8 -37.61 9.55 0.65
C PHE B 8 -38.66 8.66 0.01
N GLU B 9 -39.74 8.39 0.74
CA GLU B 9 -40.79 7.57 0.21
C GLU B 9 -41.39 8.20 -1.08
N ASN B 10 -41.55 9.52 -1.15
CA ASN B 10 -42.09 10.15 -2.36
C ASN B 10 -41.17 10.07 -3.56
N ARG B 11 -39.90 10.32 -3.33
CA ARG B 11 -38.93 10.19 -4.40
C ARG B 11 -38.89 8.75 -4.86
N SER B 12 -39.11 7.80 -3.94
CA SER B 12 -39.19 6.39 -4.31
C SER B 12 -40.38 6.12 -5.23
N LYS B 13 -41.55 6.67 -4.90
CA LYS B 13 -42.72 6.48 -5.77
C LYS B 13 -42.47 7.12 -7.12
N PHE B 14 -41.75 8.24 -7.13
CA PHE B 14 -41.47 8.93 -8.37
C PHE B 14 -40.64 8.01 -9.26
N ILE B 15 -39.59 7.42 -8.70
CA ILE B 15 -38.76 6.46 -9.40
C ILE B 15 -39.56 5.33 -10.02
N GLN B 16 -40.52 4.80 -9.28
CA GLN B 16 -41.31 3.68 -9.75
C GLN B 16 -42.26 4.14 -10.85
N ASP B 17 -42.77 5.37 -10.71
CA ASP B 17 -43.69 5.99 -11.68
C ASP B 17 -42.95 6.23 -12.97
N GLN B 18 -41.71 6.73 -12.89
CA GLN B 18 -40.92 6.90 -14.09
C GLN B 18 -40.83 5.56 -14.79
N LYS B 19 -40.40 4.55 -14.04
CA LYS B 19 -40.29 3.20 -14.58
C LYS B 19 -41.61 2.75 -15.23
N ASP B 20 -42.73 2.99 -14.56
CA ASP B 20 -44.04 2.56 -15.06
C ASP B 20 -44.45 3.35 -16.34
N LYS B 21 -44.15 4.65 -16.42
CA LYS B 21 -44.29 5.47 -17.64
C LYS B 21 -43.21 5.19 -18.71
N GLY B 22 -42.41 4.13 -18.52
CA GLY B 22 -41.37 3.71 -19.49
C GLY B 22 -40.04 4.44 -19.48
N ILE B 23 -39.86 5.44 -18.62
CA ILE B 23 -38.60 6.16 -18.54
C ILE B 23 -37.67 5.40 -17.61
N ASN B 24 -36.44 5.07 -18.04
CA ASN B 24 -35.50 4.41 -17.11
C ASN B 24 -34.73 5.45 -16.28
N PRO B 25 -35.00 5.51 -14.96
CA PRO B 25 -34.40 6.55 -14.12
C PRO B 25 -32.93 6.31 -13.82
N TYR B 26 -32.46 5.11 -14.11
CA TYR B 26 -31.07 4.78 -13.93
C TYR B 26 -30.49 4.27 -15.24
N PRO B 27 -30.34 5.16 -16.24
CA PRO B 27 -29.85 4.71 -17.55
C PRO B 27 -28.49 4.14 -17.43
N HIS B 28 -28.17 3.24 -18.34
CA HIS B 28 -26.90 2.57 -18.31
C HIS B 28 -25.71 3.40 -18.71
N LYS B 29 -25.93 4.37 -19.57
CA LYS B 29 -24.84 5.12 -20.16
C LYS B 29 -25.28 6.46 -20.75
N PHE B 30 -24.53 7.51 -20.39
CA PHE B 30 -24.67 8.83 -20.97
C PHE B 30 -23.23 9.21 -21.32
N GLU B 31 -22.98 9.42 -22.62
CA GLU B 31 -21.63 9.64 -23.12
C GLU B 31 -21.33 11.14 -23.00
N ARG B 32 -20.47 11.49 -22.03
CA ARG B 32 -20.10 12.87 -21.84
C ARG B 32 -18.90 13.22 -22.68
N THR B 33 -18.81 14.46 -23.13
CA THR B 33 -17.80 14.86 -24.07
C THR B 33 -16.79 15.78 -23.44
N ILE B 34 -17.02 16.16 -22.19
CA ILE B 34 -16.17 17.12 -21.52
C ILE B 34 -16.46 17.08 -20.04
N SER B 35 -15.43 17.19 -19.21
CA SER B 35 -15.63 17.23 -17.76
C SER B 35 -15.86 18.65 -17.33
N ILE B 36 -16.22 18.85 -16.07
CA ILE B 36 -16.48 20.18 -15.58
C ILE B 36 -15.17 20.99 -15.46
N PRO B 37 -14.11 20.41 -14.90
CA PRO B 37 -12.84 21.13 -14.92
C PRO B 37 -12.40 21.55 -16.33
N GLU B 38 -12.56 20.66 -17.30
CA GLU B 38 -12.22 20.97 -18.69
C GLU B 38 -13.08 22.10 -19.20
N PHE B 39 -14.36 22.01 -18.92
CA PHE B 39 -15.33 23.00 -19.36
C PHE B 39 -14.93 24.39 -18.87
N ILE B 40 -14.62 24.50 -17.57
CA ILE B 40 -14.18 25.76 -16.99
C ILE B 40 -12.90 26.29 -17.66
N GLU B 41 -11.90 25.44 -17.79
CA GLU B 41 -10.63 25.84 -18.40
C GLU B 41 -10.85 26.39 -19.81
N LYS B 42 -11.81 25.82 -20.54
CA LYS B 42 -12.00 26.10 -21.95
C LYS B 42 -12.84 27.33 -22.19
N TYR B 43 -13.78 27.61 -21.32
CA TYR B 43 -14.73 28.72 -21.56
C TYR B 43 -14.71 29.87 -20.54
N LYS B 44 -13.77 29.86 -19.59
CA LYS B 44 -13.67 30.93 -18.59
C LYS B 44 -13.57 32.32 -19.24
N ASP B 45 -13.02 32.35 -20.45
CA ASP B 45 -12.78 33.60 -21.17
C ASP B 45 -13.92 34.05 -22.10
N LEU B 46 -15.06 33.35 -22.12
CA LEU B 46 -16.07 33.66 -23.14
C LEU B 46 -16.55 35.13 -23.11
N GLY B 49 -19.64 37.55 -21.26
CA GLY B 49 -21.07 37.89 -21.24
C GLY B 49 -21.94 37.27 -22.33
N GLU B 50 -21.37 36.33 -23.11
CA GLU B 50 -21.93 35.84 -24.39
C GLU B 50 -22.32 34.34 -24.48
N HIS B 51 -23.04 33.97 -25.54
CA HIS B 51 -23.44 32.57 -25.81
C HIS B 51 -22.56 32.01 -26.92
N LEU B 52 -22.37 30.69 -26.99
CA LEU B 52 -21.79 30.05 -28.17
C LEU B 52 -22.69 28.89 -28.59
N GLU B 53 -23.76 29.22 -29.31
CA GLU B 53 -24.65 28.23 -29.94
C GLU B 53 -23.90 27.47 -31.03
N ASP B 54 -22.69 27.92 -31.36
CA ASP B 54 -21.75 27.18 -32.19
C ASP B 54 -21.05 26.06 -31.40
N THR B 55 -21.68 25.49 -30.36
CA THR B 55 -21.09 24.28 -29.74
C THR B 55 -22.05 23.50 -28.85
N ILE B 56 -22.33 22.23 -29.20
CA ILE B 56 -23.24 21.39 -28.41
C ILE B 56 -22.45 20.30 -27.69
N LEU B 57 -22.60 20.24 -26.37
CA LEU B 57 -21.78 19.42 -25.51
C LEU B 57 -22.67 18.54 -24.63
N ASN B 58 -22.09 17.43 -24.15
CA ASN B 58 -22.71 16.55 -23.15
C ASN B 58 -21.92 16.56 -21.86
N ILE B 59 -22.56 16.98 -20.77
CA ILE B 59 -21.85 17.19 -19.53
C ILE B 59 -22.67 16.57 -18.39
N THR B 60 -21.97 16.13 -17.34
CA THR B 60 -22.63 15.49 -16.21
C THR B 60 -22.16 16.07 -14.90
N GLY B 61 -22.94 15.84 -13.86
CA GLY B 61 -22.50 16.15 -12.52
C GLY B 61 -23.67 16.09 -11.58
N ARG B 62 -23.41 16.45 -10.32
CA ARG B 62 -24.43 16.45 -9.30
C ARG B 62 -25.01 17.87 -9.13
N ILE B 63 -26.32 17.96 -9.12
CA ILE B 63 -26.98 19.23 -8.86
C ILE B 63 -26.80 19.52 -7.37
N MET B 64 -26.39 20.75 -7.02
CA MET B 64 -26.21 21.11 -5.60
C MET B 64 -26.97 22.36 -5.09
N ARG B 65 -27.48 23.20 -5.98
CA ARG B 65 -28.44 24.23 -5.59
C ARG B 65 -29.47 24.31 -6.68
N VAL B 66 -30.72 24.53 -6.28
CA VAL B 66 -31.81 24.68 -7.24
C VAL B 66 -32.51 25.99 -6.91
N SER B 67 -32.71 26.80 -7.93
CA SER B 67 -33.27 28.15 -7.74
C SER B 67 -34.12 28.42 -8.96
N ALA B 68 -34.83 29.54 -8.93
CA ALA B 68 -35.67 29.92 -10.07
C ALA B 68 -36.05 31.40 -10.03
N SER B 69 -36.31 31.97 -11.21
CA SER B 69 -36.77 33.34 -11.33
C SER B 69 -37.82 33.32 -12.40
N GLY B 70 -38.95 32.77 -12.02
CA GLY B 70 -40.02 32.45 -12.94
C GLY B 70 -40.09 30.95 -13.21
N GLN B 71 -41.16 30.58 -13.87
CA GLN B 71 -41.37 29.20 -14.29
C GLN B 71 -40.45 28.84 -15.43
N LYS B 72 -40.12 29.82 -16.26
CA LYS B 72 -39.42 29.61 -17.53
C LYS B 72 -37.90 29.79 -17.36
N LEU B 73 -37.45 29.99 -16.12
CA LEU B 73 -36.07 30.35 -15.88
C LEU B 73 -35.62 29.66 -14.61
N ARG B 74 -34.82 28.60 -14.76
CA ARG B 74 -34.36 27.78 -13.65
C ARG B 74 -32.84 27.80 -13.59
N PHE B 75 -32.30 27.89 -12.38
CA PHE B 75 -30.88 28.02 -12.16
C PHE B 75 -30.41 26.92 -11.20
N PHE B 76 -29.38 26.19 -11.60
CA PHE B 76 -28.81 25.12 -10.78
C PHE B 76 -27.30 25.29 -10.69
N ASP B 77 -26.72 24.78 -9.61
CA ASP B 77 -25.28 24.61 -9.50
C ASP B 77 -25.01 23.15 -9.78
N LEU B 78 -24.00 22.89 -10.60
CA LEU B 78 -23.62 21.57 -10.98
C LEU B 78 -22.17 21.36 -10.58
N VAL B 79 -21.87 20.27 -9.86
CA VAL B 79 -20.52 20.01 -9.42
C VAL B 79 -19.95 18.68 -9.94
N GLY B 80 -18.68 18.70 -10.29
CA GLY B 80 -17.92 17.52 -10.64
C GLY B 80 -16.44 17.76 -10.38
N ASP B 81 -15.76 16.75 -9.86
CA ASP B 81 -14.35 16.85 -9.55
C ASP B 81 -13.96 18.14 -8.80
N GLY B 82 -14.73 18.50 -7.81
CA GLY B 82 -14.43 19.66 -6.98
C GLY B 82 -14.87 20.99 -7.53
N GLU B 83 -15.24 21.06 -8.81
CA GLU B 83 -15.56 22.34 -9.41
C GLU B 83 -17.05 22.46 -9.64
N LYS B 84 -17.48 23.66 -10.01
CA LYS B 84 -18.87 24.00 -10.08
C LYS B 84 -19.13 24.95 -11.27
N ILE B 85 -20.27 24.77 -11.94
CA ILE B 85 -20.73 25.73 -12.90
C ILE B 85 -22.23 25.95 -12.73
N GLN B 86 -22.74 26.94 -13.42
CA GLN B 86 -24.15 27.19 -13.41
C GLN B 86 -24.84 26.44 -14.56
N VAL B 87 -26.03 25.92 -14.29
CA VAL B 87 -26.93 25.47 -15.32
C VAL B 87 -28.02 26.51 -15.37
N LEU B 88 -28.12 27.21 -16.49
CA LEU B 88 -29.18 28.19 -16.68
C LEU B 88 -30.13 27.58 -17.69
N ALA B 89 -31.26 27.03 -17.22
CA ALA B 89 -32.21 26.36 -18.08
C ALA B 89 -33.34 27.28 -18.40
N ASN B 90 -33.36 27.71 -19.65
CA ASN B 90 -34.30 28.69 -20.13
C ASN B 90 -35.29 28.04 -21.08
N TYR B 91 -36.57 28.22 -20.80
CA TYR B 91 -37.67 27.74 -21.66
C TYR B 91 -37.44 27.94 -23.19
N SER B 92 -36.93 29.11 -23.57
CA SER B 92 -36.56 29.48 -24.97
C SER B 92 -35.72 28.39 -25.63
N PHE B 93 -34.75 27.90 -24.88
CA PHE B 93 -33.70 27.08 -25.45
C PHE B 93 -34.02 25.60 -25.38
N HIS B 94 -35.17 25.24 -24.84
CA HIS B 94 -35.48 23.86 -24.53
C HIS B 94 -35.98 23.17 -25.79
N ASN B 95 -35.57 21.92 -26.01
CA ASN B 95 -36.06 21.15 -27.14
C ASN B 95 -37.43 20.56 -26.77
N HIS B 96 -38.49 21.30 -27.08
CA HIS B 96 -39.86 20.96 -26.69
C HIS B 96 -40.34 19.64 -27.31
N GLU B 97 -39.69 19.23 -28.41
CA GLU B 97 -39.89 17.91 -29.01
C GLU B 97 -39.36 16.74 -28.17
N LYS B 98 -38.93 17.01 -26.92
CA LYS B 98 -38.44 15.97 -25.99
C LYS B 98 -39.05 16.01 -24.58
N GLY B 99 -40.09 16.81 -24.34
CA GLY B 99 -40.77 16.83 -23.05
C GLY B 99 -41.20 18.21 -22.62
N ASN B 100 -42.24 18.30 -21.78
CA ASN B 100 -42.70 19.59 -21.23
C ASN B 100 -41.62 20.19 -20.31
N PHE B 101 -41.18 21.40 -20.64
CA PHE B 101 -40.16 22.07 -19.89
C PHE B 101 -40.40 22.03 -18.38
N ALA B 102 -41.60 22.42 -17.98
CA ALA B 102 -41.94 22.59 -16.56
C ALA B 102 -41.96 21.24 -15.84
N GLU B 103 -42.56 20.24 -16.48
CA GLU B 103 -42.58 18.89 -15.91
C GLU B 103 -41.15 18.40 -15.65
N CYS B 104 -40.31 18.44 -16.68
CA CYS B 104 -38.93 17.95 -16.56
C CYS B 104 -38.20 18.59 -15.36
N TYR B 105 -38.28 19.90 -15.25
CA TYR B 105 -37.35 20.60 -14.36
C TYR B 105 -37.91 20.70 -12.93
N ASP B 106 -39.23 20.60 -12.77
CA ASP B 106 -39.82 20.38 -11.44
C ASP B 106 -39.37 19.03 -10.83
N LYS B 107 -39.01 18.06 -11.67
CA LYS B 107 -38.57 16.75 -11.21
C LYS B 107 -37.14 16.75 -10.66
N ILE B 108 -36.36 17.79 -10.95
CA ILE B 108 -34.95 17.80 -10.61
C ILE B 108 -34.69 18.43 -9.24
N ARG B 109 -34.14 17.63 -8.34
CA ARG B 109 -33.92 18.04 -6.97
C ARG B 109 -32.44 18.09 -6.62
N ARG B 110 -32.16 18.79 -5.52
CA ARG B 110 -30.83 18.91 -4.99
C ARG B 110 -30.27 17.52 -4.71
N GLY B 111 -29.08 17.26 -5.22
CA GLY B 111 -28.44 15.94 -5.09
C GLY B 111 -28.52 15.08 -6.33
N ASP B 112 -29.46 15.37 -7.23
CA ASP B 112 -29.64 14.55 -8.45
C ASP B 112 -28.40 14.57 -9.37
N ILE B 113 -28.09 13.40 -9.88
CA ILE B 113 -27.03 13.31 -10.84
C ILE B 113 -27.68 13.38 -12.17
N VAL B 114 -27.19 14.28 -13.02
CA VAL B 114 -27.83 14.58 -14.29
C VAL B 114 -26.86 14.54 -15.45
N GLY B 115 -27.40 14.35 -16.64
CA GLY B 115 -26.65 14.52 -17.86
C GLY B 115 -27.32 15.63 -18.65
N ILE B 116 -26.52 16.52 -19.21
CA ILE B 116 -27.03 17.68 -19.87
C ILE B 116 -26.51 17.77 -21.28
N VAL B 117 -27.41 18.07 -22.23
CA VAL B 117 -27.06 18.44 -23.58
C VAL B 117 -27.37 19.90 -23.79
N GLY B 118 -26.33 20.68 -24.01
CA GLY B 118 -26.47 22.12 -24.11
C GLY B 118 -25.25 22.82 -24.64
N PHE B 119 -25.27 24.13 -24.55
CA PHE B 119 -24.19 24.96 -25.07
C PHE B 119 -23.66 25.89 -23.98
N PRO B 120 -22.37 26.24 -24.08
CA PRO B 120 -21.70 27.04 -23.09
C PRO B 120 -21.93 28.51 -23.28
N GLY B 121 -22.02 29.24 -22.17
CA GLY B 121 -22.09 30.71 -22.18
C GLY B 121 -21.83 31.35 -20.82
N LYS B 122 -21.87 32.67 -20.77
CA LYS B 122 -21.86 33.41 -19.49
C LYS B 122 -23.05 34.43 -19.47
N SER B 123 -23.34 35.04 -18.32
CA SER B 123 -24.47 35.97 -18.13
C SER B 123 -24.04 37.40 -17.73
N LEU B 128 -21.05 32.17 -16.12
CA LEU B 128 -20.30 30.97 -16.61
C LEU B 128 -21.19 29.73 -16.52
N SER B 129 -21.77 29.35 -17.65
CA SER B 129 -22.89 28.45 -17.64
C SER B 129 -22.99 27.46 -18.78
N ILE B 130 -23.82 26.46 -18.56
CA ILE B 130 -24.26 25.55 -19.61
C ILE B 130 -25.73 25.84 -19.76
N PHE B 131 -26.18 25.90 -21.01
CA PHE B 131 -27.56 26.14 -21.32
C PHE B 131 -28.15 24.88 -21.92
N PRO B 132 -28.89 24.11 -21.14
CA PRO B 132 -29.51 22.91 -21.70
C PRO B 132 -30.44 23.13 -22.85
N LYS B 133 -30.38 22.21 -23.81
CA LYS B 133 -31.46 21.92 -24.74
C LYS B 133 -32.26 20.72 -24.15
N GLU B 134 -31.58 19.90 -23.35
CA GLU B 134 -32.16 18.69 -22.73
C GLU B 134 -31.36 18.27 -21.50
N THR B 135 -32.10 17.91 -20.45
CA THR B 135 -31.53 17.50 -19.18
C THR B 135 -32.04 16.11 -18.78
N ILE B 136 -31.14 15.14 -18.62
CA ILE B 136 -31.49 13.76 -18.22
C ILE B 136 -31.13 13.46 -16.77
N LEU B 137 -32.06 12.87 -16.04
CA LEU B 137 -31.75 12.27 -14.77
C LEU B 137 -30.94 10.97 -14.95
N LEU B 138 -29.80 10.87 -14.30
CA LEU B 138 -29.00 9.66 -14.33
C LEU B 138 -29.02 8.82 -13.05
N SER B 139 -29.12 9.49 -11.91
CA SER B 139 -29.23 8.83 -10.62
C SER B 139 -29.80 9.80 -9.60
N ALA B 140 -30.97 9.51 -9.08
CA ALA B 140 -31.62 10.40 -8.13
C ALA B 140 -30.96 10.31 -6.76
N CYS B 141 -31.04 11.42 -6.03
CA CYS B 141 -30.79 11.46 -4.61
C CYS B 141 -32.14 11.39 -3.90
N LEU B 142 -32.37 10.29 -3.20
CA LEU B 142 -33.66 10.01 -2.61
C LEU B 142 -33.84 10.64 -1.25
N HIS B 143 -32.74 11.10 -0.64
CA HIS B 143 -32.84 11.90 0.60
C HIS B 143 -32.51 13.36 0.35
N MET B 144 -33.16 14.24 1.08
CA MET B 144 -32.73 15.63 1.20
C MET B 144 -31.33 15.62 1.85
N LEU B 145 -30.41 16.34 1.20
CA LEU B 145 -29.04 16.52 1.66
C LEU B 145 -28.96 17.66 2.66
N PRO B 146 -28.08 17.55 3.65
CA PRO B 146 -27.92 18.63 4.64
C PRO B 146 -27.62 20.03 4.05
N GLU B 155 -20.37 13.81 13.74
CA GLU B 155 -20.51 12.34 13.79
C GLU B 155 -20.97 11.78 12.44
N ILE B 156 -21.87 12.48 11.77
CA ILE B 156 -22.35 12.06 10.44
C ILE B 156 -21.18 12.11 9.45
N ARG B 157 -20.28 13.08 9.64
CA ARG B 157 -19.08 13.24 8.82
C ARG B 157 -18.18 11.98 8.84
N TYR B 158 -18.22 11.20 9.91
CA TYR B 158 -17.41 9.98 9.99
C TYR B 158 -18.13 8.73 9.54
N ARG B 159 -19.45 8.71 9.69
CA ARG B 159 -20.26 7.53 9.36
C ARG B 159 -20.82 7.60 7.96
N GLN B 160 -21.01 8.81 7.43
CA GLN B 160 -21.39 9.00 6.05
C GLN B 160 -20.41 9.96 5.38
N ARG B 161 -19.19 9.47 5.13
CA ARG B 161 -18.12 10.32 4.61
C ARG B 161 -18.47 10.86 3.25
N TYR B 162 -19.33 10.17 2.53
CA TYR B 162 -19.79 10.67 1.22
C TYR B 162 -20.51 12.03 1.39
N LEU B 163 -21.33 12.13 2.41
CA LEU B 163 -21.96 13.40 2.68
C LEU B 163 -20.93 14.49 2.94
N ASP B 164 -19.95 14.17 3.78
CA ASP B 164 -18.89 15.11 4.13
C ASP B 164 -18.14 15.55 2.89
N LEU B 165 -17.80 14.62 2.01
CA LEU B 165 -17.08 14.93 0.79
C LEU B 165 -17.83 15.84 -0.16
N LEU B 166 -19.17 15.74 -0.18
CA LEU B 166 -19.98 16.55 -1.09
C LEU B 166 -20.25 17.97 -0.58
N ILE B 167 -20.37 18.15 0.73
CA ILE B 167 -20.92 19.39 1.29
C ILE B 167 -19.83 20.37 1.73
N ASN B 168 -18.74 19.83 2.29
CA ASN B 168 -17.58 20.61 2.76
C ASN B 168 -16.37 20.61 1.80
N GLU B 169 -16.11 21.75 1.14
CA GLU B 169 -14.89 21.93 0.34
C GLU B 169 -13.60 21.46 1.04
N SER B 170 -13.49 21.72 2.34
CA SER B 170 -12.26 21.41 3.06
C SER B 170 -12.03 19.91 3.23
N SER B 171 -13.10 19.14 3.34
CA SER B 171 -12.99 17.70 3.42
C SER B 171 -12.26 17.12 2.20
N ARG B 172 -12.68 17.51 1.01
CA ARG B 172 -12.02 17.04 -0.19
C ARG B 172 -10.57 17.54 -0.20
N HIS B 173 -10.34 18.79 0.19
CA HIS B 173 -8.97 19.29 0.28
C HIS B 173 -8.16 18.34 1.19
N THR B 174 -8.72 17.99 2.33
CA THR B 174 -8.03 17.15 3.29
C THR B 174 -7.56 15.82 2.71
N PHE B 175 -8.42 15.14 1.98
CA PHE B 175 -8.03 13.83 1.49
C PHE B 175 -7.20 13.88 0.19
N VAL B 176 -7.32 14.98 -0.53
CA VAL B 176 -6.46 15.20 -1.70
C VAL B 176 -5.02 15.41 -1.18
N THR B 177 -4.88 16.30 -0.18
CA THR B 177 -3.60 16.52 0.48
C THR B 177 -3.01 15.24 0.98
N ARG B 178 -3.85 14.38 1.55
CA ARG B 178 -3.37 13.09 2.05
C ARG B 178 -2.74 12.25 0.96
N THR B 179 -3.39 12.10 -0.16
CA THR B 179 -2.82 11.28 -1.24
C THR B 179 -1.55 11.92 -1.80
N LYS B 180 -1.58 13.24 -1.96
CA LYS B 180 -0.40 14.02 -2.32
C LYS B 180 0.78 13.78 -1.39
N ILE B 181 0.51 13.73 -0.09
CA ILE B 181 1.58 13.44 0.89
C ILE B 181 2.16 12.07 0.62
N ILE B 182 1.31 11.08 0.36
CA ILE B 182 1.79 9.73 0.11
C ILE B 182 2.46 9.63 -1.20
N ASN B 183 1.99 10.37 -2.18
CA ASN B 183 2.69 10.43 -3.46
C ASN B 183 4.08 11.02 -3.39
N PHE B 184 4.23 12.08 -2.61
CA PHE B 184 5.52 12.77 -2.47
C PHE B 184 6.51 11.83 -1.83
N LEU B 185 6.06 11.20 -0.75
CA LEU B 185 6.89 10.23 -0.06
C LEU B 185 7.35 9.10 -1.00
N ARG B 186 6.45 8.56 -1.81
CA ARG B 186 6.82 7.46 -2.69
C ARG B 186 7.89 7.88 -3.71
N ASN B 187 7.73 9.07 -4.29
CA ASN B 187 8.68 9.56 -5.28
C ASN B 187 9.98 9.94 -4.56
N PHE B 188 9.90 10.40 -3.31
CA PHE B 188 11.08 10.78 -2.58
C PHE B 188 12.01 9.60 -2.30
N LEU B 189 11.42 8.47 -1.92
CA LEU B 189 12.22 7.27 -1.72
C LEU B 189 12.65 6.67 -3.06
N ASN B 190 11.80 6.68 -4.07
CA ASN B 190 12.22 6.15 -5.39
C ASN B 190 13.32 6.97 -6.09
N GLU B 191 13.26 8.29 -6.01
CA GLU B 191 14.34 9.09 -6.53
C GLU B 191 15.69 8.68 -5.88
N ARG B 192 15.66 8.17 -4.65
CA ARG B 192 16.89 7.88 -3.88
C ARG B 192 17.20 6.41 -3.92
N GLY B 193 16.64 5.70 -4.90
CA GLY B 193 17.06 4.33 -5.18
C GLY B 193 16.38 3.28 -4.31
N PHE B 194 15.36 3.66 -3.52
CA PHE B 194 14.66 2.70 -2.65
C PHE B 194 13.72 1.81 -3.44
N PHE B 195 13.53 0.60 -2.94
CA PHE B 195 12.74 -0.44 -3.58
C PHE B 195 11.48 -0.81 -2.77
N GLU B 196 10.29 -0.52 -3.32
CA GLU B 196 9.02 -0.83 -2.60
C GLU B 196 8.71 -2.30 -2.66
N VAL B 197 8.32 -2.84 -1.52
CA VAL B 197 7.97 -4.25 -1.44
C VAL B 197 6.71 -4.40 -0.60
N GLU B 198 6.15 -5.61 -0.57
CA GLU B 198 5.01 -5.91 0.33
C GLU B 198 5.38 -7.06 1.24
N THR B 199 5.15 -6.93 2.54
CA THR B 199 5.46 -7.98 3.46
C THR B 199 4.17 -8.48 4.06
N PRO B 200 4.23 -9.62 4.75
CA PRO B 200 2.92 -10.14 5.11
C PRO B 200 2.22 -9.34 6.19
N MET B 201 0.91 -9.30 6.10
CA MET B 201 0.04 -8.71 7.12
C MET B 201 -0.24 -9.67 8.24
N MET B 202 -0.16 -10.98 7.99
CA MET B 202 -0.41 -11.99 9.02
C MET B 202 0.82 -12.90 9.17
N ASN B 203 1.34 -13.02 10.39
CA ASN B 203 2.57 -13.73 10.66
C ASN B 203 2.30 -14.64 11.84
N LEU B 204 3.27 -15.51 12.13
CA LEU B 204 3.15 -16.46 13.24
C LEU B 204 3.46 -15.76 14.58
N ILE B 205 4.24 -14.71 14.55
CA ILE B 205 4.47 -13.86 15.73
C ILE B 205 4.37 -12.40 15.26
N ALA B 206 4.12 -11.47 16.18
CA ALA B 206 4.03 -10.06 15.82
C ALA B 206 5.08 -9.24 16.57
N GLY B 207 6.13 -8.79 15.88
CA GLY B 207 7.21 -8.01 16.50
C GLY B 207 7.48 -6.68 15.84
N GLY B 208 8.56 -6.02 16.25
CA GLY B 208 8.96 -4.73 15.66
C GLY B 208 8.40 -3.52 16.39
N ALA B 209 7.71 -3.79 17.50
CA ALA B 209 7.18 -2.71 18.32
C ALA B 209 6.53 -3.30 19.54
N ASN B 210 6.19 -2.42 20.46
CA ASN B 210 5.52 -2.86 21.66
C ASN B 210 4.09 -2.43 21.57
N ALA B 211 3.23 -3.42 21.37
CA ALA B 211 1.80 -3.20 21.25
C ALA B 211 1.07 -4.54 21.23
N ARG B 212 -0.09 -4.60 21.88
CA ARG B 212 -0.97 -5.77 21.79
C ARG B 212 -1.40 -5.94 20.32
N PRO B 213 -1.45 -7.19 19.82
CA PRO B 213 -1.85 -7.51 18.46
C PRO B 213 -3.30 -7.98 18.31
N PHE B 214 -3.81 -7.93 17.09
CA PHE B 214 -5.05 -8.58 16.74
C PHE B 214 -4.74 -10.01 16.38
N ILE B 215 -5.65 -10.94 16.71
CA ILE B 215 -5.46 -12.35 16.39
C ILE B 215 -6.61 -12.77 15.48
N THR B 216 -6.32 -13.64 14.52
CA THR B 216 -7.32 -14.23 13.64
C THR B 216 -6.87 -15.67 13.39
N HIS B 217 -7.62 -16.42 12.62
CA HIS B 217 -7.39 -17.85 12.50
C HIS B 217 -7.58 -18.29 11.08
N HIS B 218 -6.63 -19.06 10.54
CA HIS B 218 -6.80 -19.64 9.20
C HIS B 218 -7.33 -21.08 9.27
N ASN B 219 -8.41 -21.34 8.54
CA ASN B 219 -9.21 -22.56 8.71
C ASN B 219 -8.60 -23.82 8.04
N ASP B 220 -8.08 -23.69 6.81
CA ASP B 220 -7.48 -24.85 6.07
C ASP B 220 -6.19 -25.37 6.70
N LEU B 221 -5.33 -24.46 7.16
CA LEU B 221 -4.11 -24.80 7.89
C LEU B 221 -4.33 -24.91 9.42
N ASP B 222 -5.54 -24.62 9.89
CA ASP B 222 -5.89 -24.66 11.32
C ASP B 222 -4.83 -23.97 12.17
N LEU B 223 -4.70 -22.65 12.00
CA LEU B 223 -3.57 -21.93 12.55
C LEU B 223 -4.01 -20.57 13.07
N ASP B 224 -3.49 -20.15 14.21
CA ASP B 224 -3.71 -18.78 14.67
C ASP B 224 -2.63 -17.86 14.14
N LEU B 225 -3.04 -16.70 13.64
CA LEU B 225 -2.12 -15.74 13.15
C LEU B 225 -2.34 -14.36 13.77
N TYR B 226 -1.26 -13.57 13.80
CA TYR B 226 -1.27 -12.25 14.37
C TYR B 226 -1.19 -11.24 13.27
N LEU B 227 -2.11 -10.30 13.22
CA LEU B 227 -1.98 -9.16 12.29
C LEU B 227 -0.78 -8.38 12.75
N ARG B 228 -0.10 -7.78 11.78
CA ARG B 228 1.18 -7.19 12.01
C ARG B 228 1.08 -5.88 12.78
N ILE B 229 1.96 -5.65 13.75
CA ILE B 229 2.02 -4.39 14.47
C ILE B 229 3.07 -3.45 13.88
N ALA B 230 3.87 -3.95 12.95
CA ALA B 230 4.92 -3.16 12.34
C ALA B 230 5.50 -3.95 11.18
N THR B 231 6.40 -3.35 10.40
CA THR B 231 6.98 -4.03 9.27
C THR B 231 8.49 -4.22 9.41
N GLU B 232 9.04 -3.81 10.56
CA GLU B 232 10.50 -3.85 10.82
C GLU B 232 11.21 -5.14 10.57
N LEU B 233 10.75 -6.23 11.17
CA LEU B 233 11.47 -7.49 11.07
C LEU B 233 11.59 -8.04 9.66
N PRO B 234 10.48 -8.15 8.91
CA PRO B 234 10.66 -8.71 7.55
C PRO B 234 11.42 -7.80 6.60
N LEU B 235 11.34 -6.50 6.78
CA LEU B 235 12.12 -5.59 5.93
C LEU B 235 13.61 -5.79 6.23
N LYS B 236 13.97 -5.91 7.51
CA LYS B 236 15.35 -6.22 7.85
C LYS B 236 15.79 -7.53 7.22
N MET B 237 14.92 -8.52 7.21
CA MET B 237 15.29 -9.77 6.54
C MET B 237 15.57 -9.56 5.06
N LEU B 238 14.95 -8.56 4.44
CA LEU B 238 15.25 -8.22 3.04
C LEU B 238 16.60 -7.50 2.87
N ILE B 239 17.01 -6.74 3.87
CA ILE B 239 18.37 -6.21 3.88
C ILE B 239 19.41 -7.35 3.86
N VAL B 240 19.22 -8.32 4.72
CA VAL B 240 20.06 -9.51 4.68
C VAL B 240 20.04 -10.10 3.28
N GLY B 241 18.86 -10.15 2.68
CA GLY B 241 18.72 -10.74 1.35
C GLY B 241 19.40 -9.96 0.25
N GLY B 242 19.88 -8.77 0.58
CA GLY B 242 20.69 -8.00 -0.36
C GLY B 242 19.90 -6.90 -1.03
N ILE B 243 18.77 -6.51 -0.47
CA ILE B 243 18.05 -5.39 -1.03
C ILE B 243 18.37 -4.25 -0.10
N ASP B 244 19.38 -3.48 -0.48
CA ASP B 244 20.04 -2.51 0.38
C ASP B 244 19.25 -1.26 0.73
N LYS B 245 18.22 -0.97 -0.07
CA LYS B 245 17.35 0.14 0.21
C LYS B 245 15.94 -0.30 -0.05
N VAL B 246 15.18 -0.45 1.01
CA VAL B 246 13.88 -1.08 0.85
C VAL B 246 12.82 -0.34 1.69
N TYR B 247 11.57 -0.34 1.26
CA TYR B 247 10.54 0.25 2.08
C TYR B 247 9.17 -0.32 1.83
N GLU B 248 8.26 0.01 2.73
CA GLU B 248 6.89 -0.43 2.56
C GLU B 248 6.01 0.66 3.11
N ILE B 249 4.99 1.02 2.35
CA ILE B 249 3.91 1.87 2.84
C ILE B 249 2.63 1.09 2.99
N GLY B 250 2.05 1.10 4.17
CA GLY B 250 0.88 0.29 4.38
C GLY B 250 0.36 0.31 5.78
N LYS B 251 -0.75 -0.42 5.95
CA LYS B 251 -1.46 -0.45 7.20
C LYS B 251 -0.75 -1.38 8.20
N VAL B 252 -0.77 -0.98 9.48
CA VAL B 252 -0.42 -1.84 10.55
C VAL B 252 -1.53 -1.75 11.58
N PHE B 253 -1.56 -2.72 12.49
CA PHE B 253 -2.68 -2.94 13.37
C PHE B 253 -2.19 -3.09 14.81
N ARG B 254 -2.69 -2.22 15.68
CA ARG B 254 -2.39 -2.28 17.08
C ARG B 254 -3.64 -2.27 17.89
N ASN B 255 -3.81 -3.31 18.68
CA ASN B 255 -5.03 -3.55 19.38
C ASN B 255 -5.03 -2.84 20.72
N GLU B 256 -5.18 -1.52 20.66
CA GLU B 256 -5.03 -0.63 21.80
C GLU B 256 -6.24 0.32 21.76
N GLY B 257 -6.27 1.30 22.66
CA GLY B 257 -7.30 2.33 22.68
C GLY B 257 -7.36 3.27 21.48
N ILE B 258 -8.52 3.92 21.35
CA ILE B 258 -8.86 4.86 20.32
C ILE B 258 -8.98 6.25 20.93
N ASP B 259 -8.27 7.22 20.37
CA ASP B 259 -8.47 8.60 20.81
C ASP B 259 -8.06 9.52 19.70
N ASN B 260 -7.95 10.83 19.98
CA ASN B 260 -7.67 11.83 18.93
C ASN B 260 -6.44 11.53 18.07
N THR B 261 -5.50 10.74 18.58
CA THR B 261 -4.29 10.41 17.82
C THR B 261 -4.03 8.93 17.67
N HIS B 262 -5.01 8.10 17.97
CA HIS B 262 -4.87 6.67 17.84
C HIS B 262 -6.05 6.07 17.10
N ASN B 263 -5.76 5.36 16.01
CA ASN B 263 -6.72 4.50 15.33
C ASN B 263 -6.09 3.11 15.21
N PRO B 264 -6.80 2.06 15.63
CA PRO B 264 -6.28 0.68 15.56
C PRO B 264 -5.71 0.18 14.22
N GLU B 265 -6.21 0.62 13.07
CA GLU B 265 -5.46 0.45 11.87
C GLU B 265 -4.96 1.87 11.49
N PHE B 266 -3.68 1.98 11.19
CA PHE B 266 -3.16 3.23 10.67
C PHE B 266 -2.12 2.89 9.65
N THR B 267 -1.69 3.88 8.92
CA THR B 267 -0.83 3.68 7.77
C THR B 267 0.55 4.13 8.19
N SER B 268 1.55 3.28 7.98
CA SER B 268 2.90 3.68 8.28
C SER B 268 3.72 3.51 7.06
N CYS B 269 4.88 4.12 7.12
CA CYS B 269 5.91 3.86 6.16
C CYS B 269 7.15 3.50 6.97
N GLU B 270 7.79 2.38 6.65
CA GLU B 270 9.09 2.05 7.20
C GLU B 270 10.09 1.85 6.04
N PHE B 271 11.31 2.36 6.20
CA PHE B 271 12.42 2.07 5.28
C PHE B 271 13.71 1.64 6.01
N TYR B 272 14.48 0.85 5.30
CA TYR B 272 15.74 0.38 5.78
C TYR B 272 16.81 0.72 4.76
N TRP B 273 17.93 1.27 5.25
CA TRP B 273 18.96 1.90 4.36
C TRP B 273 20.27 1.32 4.77
N ALA B 274 20.73 0.33 4.03
CA ALA B 274 21.98 -0.33 4.37
C ALA B 274 23.19 0.66 4.31
N TYR B 275 24.09 0.59 5.31
CA TYR B 275 25.28 1.43 5.38
C TYR B 275 25.01 2.88 5.80
N ALA B 276 23.81 3.14 6.28
CA ALA B 276 23.47 4.42 6.86
C ALA B 276 23.47 4.25 8.34
N ASP B 277 23.42 5.37 9.04
CA ASP B 277 23.26 5.32 10.47
C ASP B 277 22.39 6.48 10.92
N TYR B 278 22.28 6.66 12.22
CA TYR B 278 21.38 7.63 12.81
C TYR B 278 21.64 9.05 12.30
N ASN B 279 22.88 9.39 12.00
CA ASN B 279 23.16 10.71 11.46
C ASN B 279 22.59 10.89 10.07
N ASP B 280 22.68 9.85 9.21
CA ASP B 280 21.99 9.88 7.91
C ASP B 280 20.47 10.04 8.07
N LEU B 281 19.89 9.39 9.07
CA LEU B 281 18.45 9.42 9.30
C LEU B 281 17.95 10.79 9.72
N ILE B 282 18.68 11.47 10.57
CA ILE B 282 18.36 12.85 10.92
C ILE B 282 18.38 13.78 9.69
N LYS B 283 19.40 13.68 8.83
CA LYS B 283 19.48 14.55 7.66
C LYS B 283 18.27 14.26 6.77
N TRP B 284 17.91 13.00 6.67
CA TRP B 284 16.82 12.53 5.80
C TRP B 284 15.52 13.08 6.31
N SER B 285 15.34 13.04 7.61
CA SER B 285 14.10 13.57 8.23
C SER B 285 13.91 15.07 7.99
N GLU B 286 14.97 15.80 8.13
CA GLU B 286 14.89 17.23 7.95
C GLU B 286 14.63 17.56 6.49
N ASP B 287 15.22 16.81 5.58
CA ASP B 287 15.05 17.07 4.14
C ASP B 287 13.66 16.76 3.74
N PHE B 288 13.19 15.62 4.21
CA PHE B 288 11.91 15.14 3.82
C PHE B 288 10.86 16.09 4.30
N PHE B 289 10.90 16.44 5.57
CA PHE B 289 9.77 17.23 6.13
C PHE B 289 9.75 18.62 5.54
N SER B 290 10.91 19.27 5.46
CA SER B 290 10.95 20.65 4.97
C SER B 290 10.55 20.69 3.50
N GLN B 291 11.00 19.72 2.72
CA GLN B 291 10.67 19.64 1.30
C GLN B 291 9.20 19.30 1.11
N LEU B 292 8.68 18.39 1.93
CA LEU B 292 7.27 18.04 1.84
C LEU B 292 6.39 19.25 2.07
N VAL B 293 6.68 19.98 3.13
CA VAL B 293 5.90 21.15 3.49
C VAL B 293 5.96 22.24 2.41
N TYR B 294 7.15 22.49 1.88
CA TYR B 294 7.29 23.53 0.86
C TYR B 294 6.54 23.12 -0.39
N HIS B 295 6.54 21.81 -0.66
CA HIS B 295 5.91 21.28 -1.84
C HIS B 295 4.42 21.50 -1.75
N LEU B 296 3.87 21.47 -0.54
CA LEU B 296 2.42 21.63 -0.40
C LEU B 296 2.05 23.09 -0.28
N PHE B 297 2.87 23.90 0.39
CA PHE B 297 2.53 25.29 0.74
C PHE B 297 3.43 26.41 0.21
N GLY B 298 4.56 26.07 -0.39
CA GLY B 298 5.52 27.07 -0.89
C GLY B 298 6.08 27.88 0.25
N THR B 299 6.23 27.23 1.39
CA THR B 299 6.80 27.84 2.58
C THR B 299 7.04 26.77 3.65
N TYR B 300 7.90 27.08 4.62
CA TYR B 300 8.27 26.16 5.64
C TYR B 300 7.48 26.38 6.92
N LYS B 301 6.78 27.51 7.05
CA LYS B 301 6.05 27.86 8.30
C LYS B 301 4.57 27.76 8.05
N ILE B 302 3.86 26.92 8.81
CA ILE B 302 2.39 26.80 8.67
C ILE B 302 1.63 26.99 9.99
N SER B 303 0.36 27.35 9.89
CA SER B 303 -0.42 27.55 11.13
C SER B 303 -1.29 26.35 11.40
N TYR B 304 -1.54 26.12 12.68
CA TYR B 304 -2.23 24.92 13.13
C TYR B 304 -3.02 25.25 14.38
N ASN B 305 -4.31 24.98 14.32
CA ASN B 305 -5.19 25.14 15.43
C ASN B 305 -5.12 23.96 16.40
N LYS B 306 -4.03 23.88 17.17
CA LYS B 306 -3.85 22.81 18.17
C LYS B 306 -5.12 22.67 19.00
N ASP B 307 -5.51 23.78 19.64
CA ASP B 307 -6.59 23.79 20.63
C ASP B 307 -7.97 24.01 19.99
N GLY B 308 -8.08 23.88 18.67
CA GLY B 308 -9.37 23.95 17.96
C GLY B 308 -9.53 25.19 17.09
N PRO B 309 -10.38 25.10 16.03
CA PRO B 309 -10.66 26.31 15.24
C PRO B 309 -11.36 27.42 16.03
N GLU B 310 -11.91 27.08 17.20
CA GLU B 310 -12.49 28.09 18.06
C GLU B 310 -11.42 29.09 18.53
N ASN B 311 -10.43 28.61 19.30
CA ASN B 311 -9.40 29.50 19.86
C ASN B 311 -8.22 29.75 18.87
N GLN B 312 -7.19 30.50 19.31
CA GLN B 312 -6.12 31.01 18.42
C GLN B 312 -5.08 29.95 17.97
N PRO B 313 -4.66 30.01 16.68
CA PRO B 313 -3.73 29.01 16.12
C PRO B 313 -2.27 29.29 16.44
N ILE B 314 -1.40 28.31 16.21
CA ILE B 314 0.04 28.49 16.35
C ILE B 314 0.76 28.28 15.01
N GLU B 315 2.00 28.80 14.93
CA GLU B 315 2.88 28.59 13.78
C GLU B 315 3.79 27.39 14.02
N ILE B 316 4.05 26.61 12.98
CA ILE B 316 5.00 25.53 13.07
C ILE B 316 6.05 25.73 11.97
N ASP B 317 7.29 25.96 12.37
CA ASP B 317 8.39 26.27 11.44
C ASP B 317 9.19 25.03 11.11
N PHE B 318 9.19 24.63 9.85
CA PHE B 318 9.78 23.35 9.44
C PHE B 318 11.14 23.55 8.79
N THR B 319 11.66 24.76 8.87
CA THR B 319 12.99 25.05 8.38
C THR B 319 13.99 24.22 9.16
N PRO B 320 14.77 23.37 8.49
CA PRO B 320 15.84 22.66 9.16
C PRO B 320 17.00 23.60 9.54
N PRO B 321 17.83 23.23 10.52
CA PRO B 321 17.78 21.99 11.33
C PRO B 321 16.82 22.10 12.50
N TYR B 322 16.50 20.95 13.11
CA TYR B 322 15.58 20.92 14.22
C TYR B 322 16.35 20.62 15.49
N PRO B 323 15.81 21.04 16.65
CA PRO B 323 16.49 20.74 17.89
C PRO B 323 16.52 19.24 18.20
N LYS B 324 17.63 18.80 18.80
CA LYS B 324 17.80 17.44 19.28
C LYS B 324 17.97 17.49 20.78
N VAL B 325 17.07 16.84 21.50
CA VAL B 325 17.15 16.78 22.94
C VAL B 325 17.45 15.33 23.39
N SER B 326 18.54 15.13 24.12
CA SER B 326 18.92 13.83 24.63
C SER B 326 18.10 13.43 25.84
N ILE B 327 17.36 12.34 25.71
CA ILE B 327 16.34 12.03 26.70
C ILE B 327 16.91 11.99 28.13
N VAL B 328 18.09 11.39 28.32
CA VAL B 328 18.65 11.26 29.68
C VAL B 328 19.11 12.60 30.22
N GLU B 329 19.90 13.32 29.42
CA GLU B 329 20.41 14.63 29.77
C GLU B 329 19.28 15.51 30.26
N GLU B 330 18.22 15.59 29.47
CA GLU B 330 17.14 16.52 29.74
C GLU B 330 16.28 16.12 30.92
N ILE B 331 15.97 14.85 31.10
CA ILE B 331 15.17 14.45 32.26
C ILE B 331 15.91 14.76 33.54
N GLU B 332 17.18 14.36 33.58
CA GLU B 332 18.02 14.60 34.76
C GLU B 332 18.08 16.09 35.07
N LYS B 333 18.42 16.88 34.05
CA LYS B 333 18.48 18.34 34.13
C LYS B 333 17.22 18.99 34.69
N VAL B 334 16.02 18.62 34.23
CA VAL B 334 14.83 19.32 34.74
C VAL B 334 14.30 18.78 36.06
N THR B 335 14.98 17.79 36.64
CA THR B 335 14.52 17.17 37.90
C THR B 335 15.65 17.04 38.93
N ASN B 336 16.76 17.75 38.70
CA ASN B 336 17.91 17.79 39.60
C ASN B 336 18.30 16.41 40.13
N THR B 337 18.20 15.40 39.26
CA THR B 337 18.41 13.99 39.65
C THR B 337 19.44 13.37 38.78
N ILE B 338 20.13 12.40 39.34
CA ILE B 338 21.00 11.52 38.59
C ILE B 338 20.33 10.16 38.56
N LEU B 339 20.26 9.57 37.38
CA LEU B 339 19.63 8.28 37.23
C LEU B 339 20.73 7.28 36.96
N GLU B 340 21.22 6.66 38.02
CA GLU B 340 22.31 5.69 37.90
C GLU B 340 21.90 4.51 37.02
N GLN B 341 22.83 4.06 36.18
CA GLN B 341 22.60 2.88 35.42
C GLN B 341 23.04 1.70 36.31
N PRO B 342 22.47 0.51 36.13
CA PRO B 342 21.42 0.19 35.15
C PRO B 342 20.10 0.89 35.49
N PHE B 343 19.37 1.22 34.45
CA PHE B 343 18.09 1.89 34.60
C PHE B 343 17.05 1.04 35.27
N ASP B 344 17.16 -0.27 35.18
CA ASP B 344 16.24 -1.18 35.89
C ASP B 344 16.78 -1.75 37.20
N SER B 345 17.75 -1.09 37.82
CA SER B 345 18.12 -1.39 39.18
C SER B 345 17.02 -0.84 40.11
N ASN B 346 16.97 -1.33 41.33
CA ASN B 346 15.96 -0.91 42.26
C ASN B 346 16.06 0.53 42.70
N GLU B 347 17.27 1.01 42.84
CA GLU B 347 17.54 2.37 43.32
C GLU B 347 17.06 3.36 42.27
N THR B 348 17.23 3.02 41.00
CA THR B 348 16.85 3.93 39.91
C THR B 348 15.36 3.83 39.54
N ILE B 349 14.80 2.64 39.61
CA ILE B 349 13.32 2.46 39.56
C ILE B 349 12.65 3.24 40.67
N GLU B 350 13.04 3.02 41.94
CA GLU B 350 12.42 3.72 43.07
C GLU B 350 12.50 5.24 42.87
N LYS B 351 13.65 5.68 42.39
CA LYS B 351 13.90 7.09 42.18
C LYS B 351 12.96 7.65 41.14
N MET B 352 12.86 6.96 40.02
CA MET B 352 11.95 7.36 38.95
C MET B 352 10.55 7.39 39.47
N ILE B 353 10.21 6.43 40.32
CA ILE B 353 8.87 6.39 40.91
C ILE B 353 8.62 7.63 41.76
N ASN B 354 9.56 8.00 42.61
CA ASN B 354 9.41 9.13 43.49
C ASN B 354 9.21 10.41 42.77
N ILE B 355 9.79 10.53 41.59
CA ILE B 355 9.61 11.71 40.76
C ILE B 355 8.19 11.70 40.19
N ILE B 356 7.74 10.56 39.70
CA ILE B 356 6.34 10.44 39.31
C ILE B 356 5.39 10.75 40.48
N LYS B 357 5.77 10.39 41.69
CA LYS B 357 4.92 10.68 42.85
C LYS B 357 4.97 12.14 43.27
N GLU B 358 6.18 12.71 43.34
CA GLU B 358 6.36 14.10 43.74
C GLU B 358 5.66 15.07 42.79
N HIS B 359 5.49 14.70 41.52
CA HIS B 359 4.78 15.55 40.56
C HIS B 359 3.33 15.12 40.26
N LYS B 360 2.78 14.20 41.05
CA LYS B 360 1.42 13.66 40.81
C LYS B 360 1.07 13.35 39.33
N ILE B 361 1.90 12.53 38.67
CA ILE B 361 1.64 12.00 37.32
C ILE B 361 1.22 10.54 37.46
N GLU B 362 0.45 10.01 36.52
CA GLU B 362 -0.09 8.63 36.66
C GLU B 362 1.04 7.58 36.58
N LEU B 363 1.11 6.75 37.59
CA LEU B 363 2.09 5.65 37.64
C LEU B 363 1.67 4.54 36.66
N PRO B 364 2.56 4.15 35.75
CA PRO B 364 2.20 3.04 34.85
C PRO B 364 2.22 1.68 35.56
N ASN B 365 1.35 0.78 35.10
CA ASN B 365 1.24 -0.59 35.63
C ASN B 365 1.68 -1.57 34.55
N PRO B 366 2.69 -2.39 34.83
CA PRO B 366 3.55 -2.35 36.01
C PRO B 366 4.62 -1.25 35.81
N PRO B 367 5.25 -0.80 36.91
CA PRO B 367 6.25 0.25 36.76
C PRO B 367 7.61 -0.32 36.38
N THR B 368 7.75 -0.75 35.13
CA THR B 368 9.05 -1.21 34.65
C THR B 368 9.93 0.00 34.32
N ALA B 369 11.24 -0.21 34.34
CA ALA B 369 12.18 0.87 33.99
C ALA B 369 11.84 1.49 32.67
N ALA B 370 11.50 0.68 31.68
CA ALA B 370 11.19 1.23 30.36
C ALA B 370 9.93 2.08 30.34
N LYS B 371 8.90 1.69 31.08
CA LYS B 371 7.64 2.47 31.05
C LYS B 371 7.68 3.74 31.88
N LEU B 372 8.37 3.71 33.02
CA LEU B 372 8.66 4.90 33.82
C LEU B 372 9.47 5.97 33.06
N LEU B 373 10.54 5.54 32.39
CA LEU B 373 11.33 6.43 31.56
C LEU B 373 10.48 7.03 30.49
N ASP B 374 9.62 6.21 29.92
CA ASP B 374 8.71 6.66 28.90
C ASP B 374 7.74 7.73 29.45
N GLN B 375 7.21 7.48 30.62
CA GLN B 375 6.29 8.40 31.24
C GLN B 375 6.95 9.74 31.60
N LEU B 376 8.18 9.70 32.11
CA LEU B 376 8.94 10.90 32.43
C LEU B 376 9.25 11.69 31.16
N ALA B 377 9.48 10.98 30.09
CA ALA B 377 9.73 11.61 28.83
C ALA B 377 8.47 12.31 28.26
N SER B 378 7.28 11.78 28.53
CA SER B 378 6.07 12.44 28.01
C SER B 378 5.72 13.68 28.85
N HIS B 379 6.09 13.70 30.12
CA HIS B 379 5.75 14.84 30.95
C HIS B 379 6.77 16.00 30.82
N PHE B 380 8.04 15.70 30.86
CA PHE B 380 9.08 16.73 31.00
C PHE B 380 9.83 17.09 29.71
N ILE B 381 9.62 16.33 28.63
CA ILE B 381 10.25 16.66 27.34
C ILE B 381 9.30 16.84 26.19
N GLU B 382 8.38 15.88 25.97
CA GLU B 382 7.62 15.81 24.71
C GLU B 382 6.88 17.08 24.28
N ASN B 383 6.56 17.97 25.23
CA ASN B 383 6.00 19.29 24.91
C ASN B 383 6.96 20.46 25.12
N LYS B 384 8.26 20.22 24.87
CA LYS B 384 9.30 21.23 25.05
C LYS B 384 9.15 22.36 24.04
N TYR B 385 8.98 21.97 22.77
CA TYR B 385 8.70 22.94 21.71
C TYR B 385 7.27 22.81 21.17
N ASN B 386 6.74 23.93 20.66
CA ASN B 386 5.54 23.95 19.80
C ASN B 386 5.78 24.64 18.47
N ASP B 387 6.81 25.48 18.39
CA ASP B 387 7.06 26.32 17.20
C ASP B 387 7.78 25.54 16.07
N LYS B 388 8.45 24.46 16.40
CA LYS B 388 9.08 23.63 15.39
C LYS B 388 9.01 22.18 15.79
N PRO B 389 9.22 21.28 14.82
CA PRO B 389 9.45 19.90 15.18
C PRO B 389 10.77 19.73 15.86
N PHE B 390 10.90 18.68 16.66
CA PHE B 390 12.17 18.40 17.25
C PHE B 390 12.32 16.94 17.50
N PHE B 391 13.57 16.53 17.71
CA PHE B 391 13.93 15.14 17.98
C PHE B 391 14.30 14.94 19.45
N ILE B 392 13.78 13.85 20.02
CA ILE B 392 14.33 13.29 21.22
C ILE B 392 15.24 12.14 20.78
N VAL B 393 16.45 12.09 21.36
CA VAL B 393 17.49 11.21 20.85
C VAL B 393 18.22 10.46 21.97
N GLU B 394 18.85 9.38 21.56
CA GLU B 394 19.76 8.61 22.39
C GLU B 394 19.05 7.98 23.56
N HIS B 395 17.98 7.31 23.23
CA HIS B 395 17.18 6.59 24.22
C HIS B 395 17.98 5.44 24.77
N PRO B 396 17.86 5.21 26.06
CA PRO B 396 18.37 4.03 26.76
C PRO B 396 18.05 2.71 26.10
N GLN B 397 19.00 1.76 26.16
CA GLN B 397 18.82 0.39 25.65
C GLN B 397 17.54 -0.28 26.14
N ILE B 398 17.20 -0.15 27.42
CA ILE B 398 16.01 -0.84 27.93
C ILE B 398 14.72 -0.40 27.24
N MET B 399 14.70 0.77 26.60
CA MET B 399 13.54 1.20 25.82
C MET B 399 13.63 0.74 24.36
N SER B 400 14.77 0.19 23.97
CA SER B 400 15.11 0.18 22.56
C SER B 400 15.75 -1.14 22.14
N PRO B 401 15.04 -2.26 22.34
CA PRO B 401 15.58 -3.61 22.17
C PRO B 401 16.09 -3.99 20.76
N LEU B 402 15.74 -3.22 19.75
CA LEU B 402 16.19 -3.44 18.38
C LEU B 402 17.15 -2.33 17.84
N ALA B 403 17.42 -1.31 18.65
CA ALA B 403 18.32 -0.27 18.23
C ALA B 403 19.73 -0.65 18.66
N LYS B 404 20.71 -0.24 17.89
CA LYS B 404 22.08 -0.51 18.18
C LYS B 404 22.62 0.41 19.29
N TYR B 405 23.51 -0.16 20.10
CA TYR B 405 24.18 0.51 21.19
C TYR B 405 24.96 1.73 20.70
N HIS B 406 24.93 2.80 21.46
CA HIS B 406 25.54 4.03 21.06
C HIS B 406 27.07 3.88 20.93
N ARG B 407 27.68 4.47 19.92
CA ARG B 407 29.12 4.23 19.69
C ARG B 407 30.08 4.87 20.71
N THR B 408 29.61 5.77 21.54
CA THR B 408 30.40 6.36 22.62
C THR B 408 29.67 6.53 23.92
N LYS B 409 28.41 6.10 24.02
CA LYS B 409 27.63 6.33 25.26
C LYS B 409 27.02 5.09 25.85
N PRO B 410 27.70 4.54 26.83
CA PRO B 410 27.23 3.36 27.48
C PRO B 410 25.79 3.47 27.95
N GLY B 411 25.05 2.41 27.73
CA GLY B 411 23.67 2.28 28.16
C GLY B 411 22.68 2.81 27.13
N LEU B 412 23.16 3.58 26.17
CA LEU B 412 22.26 4.28 25.26
C LEU B 412 22.34 3.73 23.81
N THR B 413 21.47 4.21 22.94
CA THR B 413 21.30 3.68 21.61
C THR B 413 21.33 4.84 20.65
N GLU B 414 21.50 4.51 19.38
CA GLU B 414 21.56 5.52 18.36
C GLU B 414 20.16 5.73 17.76
N ARG B 415 19.29 6.30 18.60
CA ARG B 415 17.89 6.46 18.27
C ARG B 415 17.43 7.89 18.29
N LEU B 416 16.40 8.14 17.47
CA LEU B 416 15.74 9.42 17.36
C LEU B 416 14.22 9.24 17.19
N GLU B 417 13.45 10.14 17.77
CA GLU B 417 12.02 10.21 17.55
C GLU B 417 11.72 11.65 17.23
N MET B 418 11.05 11.91 16.12
CA MET B 418 10.60 13.29 15.87
C MET B 418 9.19 13.52 16.41
N PHE B 419 9.01 14.70 17.01
CA PHE B 419 7.73 15.16 17.56
C PHE B 419 7.20 16.43 16.90
N ILE B 420 5.89 16.47 16.64
CA ILE B 420 5.22 17.69 16.20
C ILE B 420 4.11 17.89 17.19
N CYS B 421 4.13 19.06 17.85
CA CYS B 421 3.11 19.46 18.81
C CYS B 421 2.87 18.36 19.85
N GLY B 422 3.92 17.74 20.30
CA GLY B 422 3.82 16.83 21.43
C GLY B 422 3.43 15.42 21.06
N LYS B 423 3.29 15.17 19.76
CA LYS B 423 2.94 13.86 19.23
C LYS B 423 4.05 13.30 18.36
N GLU B 424 4.41 12.07 18.64
CA GLU B 424 5.41 11.34 17.88
C GLU B 424 4.89 11.05 16.47
N VAL B 425 5.69 11.40 15.44
CA VAL B 425 5.42 11.07 14.07
C VAL B 425 6.50 10.26 13.38
N LEU B 426 7.61 10.06 14.07
CA LEU B 426 8.80 9.42 13.49
C LEU B 426 9.62 8.74 14.56
N ASN B 427 10.10 7.54 14.26
CA ASN B 427 10.93 6.73 15.15
C ASN B 427 11.92 6.06 14.24
N ALA B 428 13.21 6.24 14.54
CA ALA B 428 14.27 5.72 13.70
C ALA B 428 15.50 5.43 14.50
N TYR B 429 16.34 4.56 13.97
CA TYR B 429 17.61 4.29 14.59
C TYR B 429 18.62 3.51 13.72
N THR B 430 19.86 3.46 14.19
CA THR B 430 20.84 2.56 13.68
C THR B 430 20.40 1.18 14.19
N GLU B 431 20.37 0.19 13.32
CA GLU B 431 19.83 -1.10 13.67
C GLU B 431 20.86 -1.96 14.37
N LEU B 432 20.46 -2.59 15.45
CA LEU B 432 21.26 -3.63 16.10
C LEU B 432 21.39 -4.80 15.13
N ASN B 433 22.61 -5.11 14.71
CA ASN B 433 22.86 -6.21 13.78
C ASN B 433 23.74 -7.34 14.35
N ASP B 434 24.05 -7.27 15.63
CA ASP B 434 24.82 -8.29 16.31
C ASP B 434 23.88 -9.27 16.99
N PRO B 435 23.74 -10.48 16.44
CA PRO B 435 22.75 -11.43 16.94
C PRO B 435 22.97 -11.79 18.40
N PHE B 436 24.22 -11.83 18.84
CA PHE B 436 24.48 -12.14 20.23
C PHE B 436 23.88 -11.08 21.13
N LYS B 437 23.97 -9.79 20.77
CA LYS B 437 23.38 -8.72 21.63
C LYS B 437 21.84 -8.71 21.62
N GLN B 438 21.27 -9.36 20.62
CA GLN B 438 19.83 -9.31 20.43
C GLN B 438 19.12 -10.35 21.25
N LYS B 439 19.54 -11.61 21.19
CA LYS B 439 18.99 -12.60 22.12
C LYS B 439 18.84 -11.90 23.49
N GLU B 440 19.94 -11.23 23.92
CA GLU B 440 20.00 -10.58 25.24
C GLU B 440 18.86 -9.55 25.35
N CYS B 441 18.62 -8.78 24.30
CA CYS B 441 17.45 -7.90 24.24
C CYS B 441 16.10 -8.70 24.15
N PHE B 442 16.17 -9.95 23.66
CA PHE B 442 15.03 -10.87 23.56
C PHE B 442 15.49 -12.31 23.46
N GLN B 458 7.48 -12.12 22.97
CA GLN B 458 8.53 -12.88 22.29
C GLN B 458 8.57 -12.50 20.81
N LEU B 459 9.79 -12.47 20.23
CA LEU B 459 10.02 -12.08 18.83
C LEU B 459 10.54 -13.26 17.97
N ASP B 460 10.56 -13.07 16.64
CA ASP B 460 10.81 -14.14 15.65
C ASP B 460 12.16 -14.88 15.79
N SER B 461 12.10 -16.19 15.66
CA SER B 461 13.27 -17.02 15.43
C SER B 461 13.63 -16.94 13.96
N ALA B 462 12.63 -16.86 13.07
CA ALA B 462 12.93 -16.65 11.66
C ALA B 462 13.84 -15.41 11.51
N PHE B 463 13.47 -14.37 12.24
CA PHE B 463 14.17 -13.13 12.20
C PHE B 463 15.54 -13.31 12.87
N CYS B 464 15.51 -13.85 14.08
CA CYS B 464 16.73 -14.10 14.82
C CYS B 464 17.70 -14.93 13.98
N THR B 465 17.18 -15.90 13.24
CA THR B 465 18.01 -16.68 12.35
C THR B 465 18.57 -15.83 11.25
N SER B 466 17.76 -14.97 10.65
CA SER B 466 18.31 -14.11 9.61
C SER B 466 19.52 -13.28 10.12
N LEU B 467 19.46 -12.72 11.33
CA LEU B 467 20.62 -12.01 11.85
C LEU B 467 21.91 -12.81 11.78
N GLU B 468 21.84 -14.13 11.95
CA GLU B 468 23.06 -14.91 12.00
C GLU B 468 23.68 -15.04 10.63
N TYR B 469 22.93 -14.72 9.60
CA TYR B 469 23.48 -14.73 8.24
C TYR B 469 24.13 -13.40 7.83
N GLY B 470 24.03 -12.38 8.67
CA GLY B 470 24.77 -11.16 8.42
C GLY B 470 23.91 -10.02 7.97
N LEU B 471 23.51 -9.20 8.92
CA LEU B 471 22.79 -7.99 8.60
C LEU B 471 23.87 -6.90 8.54
N PRO B 472 24.01 -6.25 7.38
CA PRO B 472 24.97 -5.16 7.29
C PRO B 472 24.58 -4.01 8.20
N PRO B 473 25.55 -3.17 8.59
CA PRO B 473 25.20 -1.95 9.29
C PRO B 473 24.16 -1.20 8.48
N THR B 474 23.11 -0.77 9.17
CA THR B 474 21.85 -0.33 8.56
C THR B 474 21.12 0.77 9.38
N GLY B 475 20.38 1.66 8.70
CA GLY B 475 19.52 2.61 9.36
C GLY B 475 18.07 2.42 8.96
N GLY B 476 17.19 2.45 9.97
CA GLY B 476 15.78 2.21 9.75
C GLY B 476 14.98 3.35 10.27
N LEU B 477 13.87 3.60 9.59
CA LEU B 477 13.00 4.71 10.00
C LEU B 477 11.53 4.42 9.73
N GLY B 478 10.70 4.84 10.70
CA GLY B 478 9.26 4.71 10.61
C GLY B 478 8.59 6.08 10.68
N LEU B 479 7.59 6.27 9.81
CA LEU B 479 6.68 7.41 9.88
C LEU B 479 5.25 6.99 10.14
N GLY B 480 4.56 7.82 10.93
CA GLY B 480 3.11 7.73 11.08
C GLY B 480 2.37 8.68 10.14
N ILE B 481 1.90 8.17 9.00
CA ILE B 481 1.30 8.99 7.91
C ILE B 481 0.06 9.77 8.28
N ASP B 482 -0.87 9.09 8.94
CA ASP B 482 -2.07 9.75 9.42
C ASP B 482 -1.74 10.94 10.29
N ARG B 483 -0.80 10.77 11.21
CA ARG B 483 -0.46 11.87 12.12
C ARG B 483 0.24 13.01 11.42
N ILE B 484 1.07 12.70 10.42
CA ILE B 484 1.66 13.77 9.62
C ILE B 484 0.53 14.54 8.91
N THR B 485 -0.36 13.82 8.21
CA THR B 485 -1.46 14.45 7.52
C THR B 485 -2.34 15.33 8.44
N MET B 486 -2.57 14.87 9.66
CA MET B 486 -3.28 15.74 10.61
C MET B 486 -2.64 17.15 10.68
N PHE B 487 -1.32 17.23 10.73
CA PHE B 487 -0.71 18.50 10.98
C PHE B 487 -0.74 19.36 9.76
N LEU B 488 -0.63 18.73 8.60
CA LEU B 488 -0.56 19.47 7.35
C LEU B 488 -1.91 19.71 6.73
N THR B 489 -2.99 19.28 7.40
CA THR B 489 -4.37 19.63 6.97
C THR B 489 -5.12 20.32 8.09
N ASN B 490 -4.44 20.69 9.14
CA ASN B 490 -5.04 21.42 10.25
C ASN B 490 -6.18 20.71 10.93
N LYS B 491 -6.03 19.42 11.15
CA LYS B 491 -6.99 18.66 11.91
C LYS B 491 -6.34 18.29 13.22
N ASN B 492 -7.15 18.13 14.26
CA ASN B 492 -6.65 17.60 15.52
C ASN B 492 -7.39 16.35 15.98
N SER B 493 -7.94 15.61 15.02
CA SER B 493 -8.28 14.21 15.25
C SER B 493 -7.88 13.37 14.09
N ILE B 494 -7.35 12.21 14.38
CA ILE B 494 -6.92 11.29 13.36
C ILE B 494 -8.14 10.83 12.54
N LYS B 495 -9.30 10.81 13.16
CA LYS B 495 -10.51 10.49 12.46
C LYS B 495 -10.80 11.42 11.26
N ASP B 496 -10.27 12.65 11.31
CA ASP B 496 -10.48 13.59 10.21
C ASP B 496 -9.66 13.32 8.97
N VAL B 497 -8.73 12.37 9.02
CA VAL B 497 -7.80 12.14 7.89
C VAL B 497 -7.82 10.69 7.45
N ILE B 498 -8.74 9.92 8.01
CA ILE B 498 -9.02 8.54 7.58
C ILE B 498 -10.43 8.56 7.00
N LEU B 499 -10.60 8.07 5.78
CA LEU B 499 -11.89 8.15 5.11
C LEU B 499 -12.94 7.52 5.94
N PHE B 500 -12.67 6.31 6.43
CA PHE B 500 -13.68 5.56 7.16
C PHE B 500 -13.05 5.05 8.42
N PRO B 501 -12.92 5.92 9.44
CA PRO B 501 -12.33 5.51 10.73
C PRO B 501 -13.15 4.44 11.43
N THR B 502 -12.54 3.68 12.33
CA THR B 502 -13.24 2.53 12.91
C THR B 502 -14.05 2.99 14.10
N MET B 503 -15.34 2.67 14.08
CA MET B 503 -16.26 3.20 15.07
C MET B 503 -17.26 2.14 15.48
N ARG B 504 -17.85 2.36 16.64
CA ARG B 504 -18.92 1.52 17.13
C ARG B 504 -20.17 1.81 16.30
N PRO B 505 -20.98 0.78 16.01
CA PRO B 505 -22.24 1.01 15.30
C PRO B 505 -23.32 1.67 16.18
N LYS C . -14.93 -6.81 -5.62
CA LYS C . -14.71 -7.60 -6.87
C LYS C . -14.04 -8.91 -6.58
O LYS C . -13.43 -9.02 -5.51
CB LYS C . -13.82 -6.84 -7.85
CG LYS C . -14.55 -5.77 -8.64
CD LYS C . -15.73 -6.31 -9.42
CE LYS C . -16.39 -5.17 -10.16
NZ LYS C . -17.02 -4.22 -9.23
OXT LYS C . -14.07 -9.82 -7.43
C1 9CC D . -5.95 -15.61 -4.10
C8 9CC D . -5.90 -14.47 -6.29
C4 9CC D . -8.70 -15.92 -4.33
C3 9CC D . -8.05 -16.40 -3.19
C7 9CC D . -7.98 -13.58 -7.07
C6 9CC D . -8.69 -14.80 -6.48
C2 9CC D . -6.68 -16.23 -3.10
C5 9CC D . -8.00 -15.28 -5.35
C9 9CC D . -6.60 -15.11 -5.24
C10 9CC D . -8.55 -13.20 -8.45
C11 9CC D . -9.96 -12.60 -8.32
C12 9CC D . -9.38 -10.33 -7.48
C13 9CC D . -9.93 -9.76 -8.77
C14 9CC D . -9.75 -10.73 -9.95
O3 9CC D . -6.61 -13.90 -7.28
C15 9CC D . -10.55 -11.98 -9.66
C16 9CC D . -9.75 -9.38 -6.33
O5 9CC D . -9.97 -11.64 -7.21
O4 9CC D . -4.67 -14.45 -6.30
O2 9CC D . -8.71 -17.03 -2.18
O1 9CC D . -4.57 -15.48 -3.95
CL CL E . -24.00 -3.16 -24.82
CL CL F . -10.14 -19.32 -8.51
N LYS G . 9.10 -0.48 13.77
CA LYS G . 9.19 0.87 14.36
C LYS G . 7.90 1.21 15.00
O LYS G . 7.77 2.18 15.75
CB LYS G . 9.52 1.88 13.29
CG LYS G . 10.98 2.27 13.27
CD LYS G . 11.86 1.19 12.71
CE LYS G . 13.31 1.48 13.00
NZ LYS G . 14.06 0.19 12.88
OXT LYS G . 6.95 0.49 14.75
C1 9CC H . -1.93 5.02 15.88
C8 9CC H . -0.22 6.50 15.00
C4 9CC H . -0.10 3.87 17.57
C3 9CC H . -1.41 3.41 17.57
C7 9CC H . 1.98 5.94 15.45
C6 9CC H . 1.67 5.30 16.76
C2 9CC H . -2.34 4.01 16.72
C5 9CC H . 0.32 4.90 16.72
C9 9CC H . -0.62 5.48 15.85
C10 9CC H . 3.31 6.70 15.46
C11 9CC H . 4.45 5.80 15.83
C12 9CC H . 5.02 4.95 13.69
C13 9CC H . 6.39 5.62 13.78
C14 9CC H . 6.22 6.93 14.51
O3 9CC H . 1.01 6.95 15.23
C15 9CC H . 5.76 6.56 15.85
C16 9CC H . 5.15 3.53 13.12
O5 9CC H . 4.47 4.74 14.92
O4 9CC H . -0.89 6.94 14.09
O2 9CC H . -1.77 2.39 18.42
O1 9CC H . -2.82 5.62 15.04
CL CL I . 28.09 10.03 16.10
CL CL J . 1.81 7.41 20.98
CL CL K . 24.67 5.07 0.86
#